data_3KSY
#
_entry.id   3KSY
#
_cell.length_a   150.961
_cell.length_b   160.918
_cell.length_c   118.868
_cell.angle_alpha   90.000
_cell.angle_beta   90.000
_cell.angle_gamma   90.000
#
_symmetry.space_group_name_H-M   'C 2 2 21'
#
_entity_poly.entity_id   1
_entity_poly.type   'polypeptide(L)'
_entity_poly.pdbx_seq_one_letter_code
;MQAQQLPYEFFSEENAPKWRGLLVPALKKVQGQVHPTLESNDDALQYVEELILQLLNMLCQAQPRSASDVEERVQKSFPH
PIDKWAIADAQSAIEKRKRRNPLSLPVEKIHPLLKEVLGYKIDHQVSVYIVAVLEYISADILKLVGNYVRNIRHYEITKQ
DIKVAMCADKVLMDMFHQDVEDINILSLTDEEPSTSGEQTYYDLVKAFMAEIRQYIRELNLIIKVFREPFVSNSKLFSAN
DVENIFSRIVDIHELSVKLLGHIEDTVEMTDEGSPHPLVGSCFEDLAEELAFDPYESYARDILRPGFHDRFLSQLSKPGA
ALYLQSIGEGFKEAVQYVLPRLLLAPVYHCLHYFELLKQLEEKSEDQEDKECLKQAITALLNVQSGMEKICSKSLAKRRL
SESACRFYSQQMKGKQLAIKKMNEIQKNIDGWEGKDIGQCCNEFIMEGTLTRVGAKHERHIFLFDGLMICCKSNHGQPRL
PGASNAEYRLKEKFFMRKVQINDKDDTNEYKHAFEIILKDENSVIFSAKSAEEKNNWMAALISLQYRSTLERMLDVTMLQ
EEKEEQMRLPSADVYRFAEPDSEENIIFEENMQPKAGIPIIKAGTVIKLIERLTYHMYADPNFVRTFLTTYRSFCKPQEL
LSLIIERFEIPEPEPTEADRIAIENGDQPLSAELKRFRKEYIQPVQLRVLNVCRHWVEHHFYDFERDAYLLQRMEEFIGT
VRGKAMKKWVESITKIIQRKKIARDNGPGHNITFQSSPPTVEWHISRPGHIETFDLLTLHPIEIARQLTLLESDLYRAVQ
PSELVGSVWTKEDKEINSPNLLKMIRHTTNLTLWFEKCIVETENLEERVAVVSRIIEILQVFQELNNFNGVLEVVSAMNS
SPVYRLDHTFEQIPSRQKKILEEAHELSEDHYKKYLAKLRSINPPCVPFFGIYLTNILKTEEGNPEVLKRHGKELINFSK
RRKVAEITGEIQQYQNQPYCLRVESDIKRFFENLNPMGNSMEKEFTDYLFNKSLEIEPRNPKPLPRFPKKYSYPLKSPGV
RPSNPRPGT
;
_entity_poly.pdbx_strand_id   A
#
# COMPACT_ATOMS: atom_id res chain seq x y z
N LEU A 6 -25.94 -6.26 45.27
CA LEU A 6 -26.28 -5.63 44.00
C LEU A 6 -25.03 -5.27 43.21
N PRO A 7 -24.69 -6.11 42.23
CA PRO A 7 -23.51 -5.90 41.36
C PRO A 7 -23.57 -4.55 40.65
N TYR A 8 -22.41 -3.94 40.42
CA TYR A 8 -22.35 -2.62 39.78
C TYR A 8 -22.82 -2.69 38.34
N GLU A 9 -23.73 -1.78 37.98
CA GLU A 9 -24.30 -1.74 36.64
C GLU A 9 -23.22 -1.49 35.58
N PHE A 10 -23.49 -1.90 34.35
CA PHE A 10 -22.51 -1.80 33.28
C PHE A 10 -22.70 -0.54 32.44
N PHE A 11 -23.91 0.00 32.43
CA PHE A 11 -24.22 1.15 31.58
C PHE A 11 -23.29 2.35 31.81
N SER A 12 -23.22 2.87 33.03
CA SER A 12 -23.99 2.38 34.16
C SER A 12 -25.18 3.30 34.42
N GLU A 13 -26.26 2.74 34.95
CA GLU A 13 -27.47 3.52 35.21
C GLU A 13 -27.18 4.70 36.12
N GLU A 14 -26.20 4.53 37.01
CA GLU A 14 -25.78 5.61 37.91
C GLU A 14 -24.75 6.49 37.21
N ASN A 15 -23.62 5.89 36.83
CA ASN A 15 -22.57 6.60 36.11
C ASN A 15 -22.37 6.01 34.72
N ALA A 16 -22.91 6.69 33.71
CA ALA A 16 -22.84 6.20 32.33
C ALA A 16 -21.71 6.84 31.52
N PRO A 17 -21.59 8.18 31.58
CA PRO A 17 -20.52 8.84 30.83
C PRO A 17 -19.16 8.73 31.52
N LYS A 18 -18.97 7.65 32.27
CA LYS A 18 -17.71 7.40 32.96
C LYS A 18 -17.11 6.05 32.54
N TRP A 19 -17.82 5.35 31.67
CA TRP A 19 -17.40 4.01 31.24
C TRP A 19 -17.44 3.85 29.72
N ARG A 20 -17.67 4.93 29.00
CA ARG A 20 -17.77 4.86 27.55
C ARG A 20 -16.82 5.83 26.84
N GLY A 21 -16.17 6.68 27.61
CA GLY A 21 -15.28 7.69 27.04
C GLY A 21 -13.83 7.51 27.47
N LEU A 22 -13.44 6.27 27.74
CA LEU A 22 -12.07 6.00 28.16
C LEU A 22 -11.50 4.78 27.45
N LEU A 23 -12.38 3.85 27.08
CA LEU A 23 -11.95 2.60 26.45
C LEU A 23 -11.84 2.72 24.94
N VAL A 24 -12.92 3.17 24.30
CA VAL A 24 -12.94 3.33 22.84
C VAL A 24 -11.68 4.00 22.29
N PRO A 25 -11.31 5.18 22.84
CA PRO A 25 -10.13 5.90 22.35
C PRO A 25 -8.81 5.15 22.57
N ALA A 26 -8.75 4.34 23.63
CA ALA A 26 -7.52 3.64 23.98
C ALA A 26 -7.37 2.31 23.25
N LEU A 27 -8.48 1.57 23.12
CA LEU A 27 -8.46 0.28 22.45
C LEU A 27 -8.04 0.39 20.99
N LYS A 28 -8.37 1.52 20.37
CA LYS A 28 -8.01 1.76 18.98
C LYS A 28 -6.50 1.65 18.78
N LYS A 29 -5.74 1.96 19.83
CA LYS A 29 -4.29 1.91 19.76
C LYS A 29 -3.79 0.48 19.90
N VAL A 30 -4.53 -0.32 20.67
CA VAL A 30 -4.20 -1.72 20.88
C VAL A 30 -4.33 -2.54 19.59
N GLN A 31 -5.33 -2.19 18.77
CA GLN A 31 -5.55 -2.87 17.50
C GLN A 31 -4.38 -2.65 16.55
N GLY A 32 -3.77 -1.47 16.63
CA GLY A 32 -2.62 -1.13 15.80
C GLY A 32 -1.35 -1.80 16.31
N GLN A 33 -1.42 -2.34 17.52
CA GLN A 33 -0.29 -3.05 18.11
C GLN A 33 -0.24 -4.50 17.65
N VAL A 34 -1.41 -5.11 17.47
CA VAL A 34 -1.48 -6.49 17.01
C VAL A 34 -1.56 -6.58 15.50
N HIS A 35 -2.50 -5.85 14.90
CA HIS A 35 -2.67 -5.84 13.45
C HIS A 35 -2.61 -4.44 12.88
N PRO A 36 -1.39 -3.94 12.61
CA PRO A 36 -1.18 -2.61 12.02
C PRO A 36 -1.67 -2.56 10.57
N THR A 37 -2.33 -3.62 10.11
CA THR A 37 -2.79 -3.69 8.72
C THR A 37 -4.30 -3.61 8.61
N LEU A 38 -4.98 -3.56 9.75
CA LEU A 38 -6.44 -3.51 9.76
C LEU A 38 -6.96 -2.14 10.20
N GLU A 39 -8.08 -1.72 9.62
CA GLU A 39 -8.67 -0.42 9.95
C GLU A 39 -9.52 -0.47 11.21
N SER A 40 -9.61 0.66 11.90
CA SER A 40 -10.37 0.76 13.13
C SER A 40 -11.81 1.20 12.86
N ASN A 41 -12.74 0.67 13.65
CA ASN A 41 -14.15 1.02 13.51
C ASN A 41 -14.79 1.30 14.86
N ASP A 42 -15.13 2.57 15.09
CA ASP A 42 -15.73 2.99 16.36
C ASP A 42 -16.86 2.07 16.80
N ASP A 43 -17.65 1.59 15.84
CA ASP A 43 -18.75 0.69 16.13
C ASP A 43 -18.24 -0.59 16.78
N ALA A 44 -17.15 -1.13 16.25
CA ALA A 44 -16.56 -2.35 16.77
C ALA A 44 -15.91 -2.11 18.14
N LEU A 45 -15.24 -0.97 18.27
CA LEU A 45 -14.57 -0.62 19.52
C LEU A 45 -15.56 -0.36 20.66
N GLN A 46 -16.78 0.05 20.31
CA GLN A 46 -17.81 0.29 21.31
C GLN A 46 -18.42 -1.03 21.80
N TYR A 47 -18.15 -2.11 21.07
CA TYR A 47 -18.63 -3.43 21.47
C TYR A 47 -17.60 -4.14 22.34
N VAL A 48 -16.32 -3.90 22.06
CA VAL A 48 -15.23 -4.49 22.82
C VAL A 48 -15.21 -3.94 24.25
N GLU A 49 -15.43 -2.64 24.39
CA GLU A 49 -15.44 -2.00 25.70
C GLU A 49 -16.52 -2.58 26.61
N GLU A 50 -17.61 -3.03 26.00
CA GLU A 50 -18.70 -3.65 26.75
C GLU A 50 -18.31 -5.03 27.24
N LEU A 51 -17.39 -5.67 26.52
CA LEU A 51 -16.89 -6.98 26.92
C LEU A 51 -15.85 -6.84 28.03
N ILE A 52 -14.91 -5.93 27.85
CA ILE A 52 -13.86 -5.69 28.84
C ILE A 52 -14.46 -5.22 30.16
N LEU A 53 -15.54 -4.46 30.07
CA LEU A 53 -16.26 -4.00 31.25
C LEU A 53 -16.94 -5.16 31.96
N GLN A 54 -17.47 -6.10 31.18
CA GLN A 54 -18.12 -7.28 31.74
C GLN A 54 -17.15 -8.10 32.57
N LEU A 55 -15.88 -8.12 32.14
CA LEU A 55 -14.85 -8.85 32.85
C LEU A 55 -14.45 -8.15 34.14
N LEU A 56 -14.44 -6.83 34.10
CA LEU A 56 -14.05 -6.02 35.26
C LEU A 56 -14.99 -6.23 36.43
N ASN A 57 -16.24 -6.59 36.14
CA ASN A 57 -17.24 -6.79 37.18
C ASN A 57 -17.03 -8.08 37.96
N MET A 58 -16.92 -9.20 37.24
CA MET A 58 -16.77 -10.50 37.88
C MET A 58 -15.46 -10.63 38.63
N LEU A 59 -14.46 -9.85 38.22
CA LEU A 59 -13.16 -9.88 38.88
C LEU A 59 -13.22 -9.16 40.22
N CYS A 60 -14.04 -8.12 40.31
CA CYS A 60 -14.19 -7.35 41.53
C CYS A 60 -15.22 -7.99 42.46
N GLN A 61 -15.92 -9.00 41.95
CA GLN A 61 -16.92 -9.70 42.74
C GLN A 61 -16.27 -10.45 43.90
N ALA A 62 -15.10 -11.00 43.66
CA ALA A 62 -14.35 -11.71 44.70
C ALA A 62 -13.87 -10.75 45.77
N GLN A 63 -13.88 -9.47 45.44
CA GLN A 63 -13.48 -8.41 46.37
C GLN A 63 -12.06 -8.61 46.92
N PRO A 64 -11.06 -8.60 46.04
CA PRO A 64 -9.66 -8.69 46.46
C PRO A 64 -9.16 -7.37 47.06
N ARG A 65 -8.39 -7.45 48.13
CA ARG A 65 -7.87 -6.24 48.78
C ARG A 65 -6.38 -6.06 48.50
N SER A 66 -5.75 -7.10 47.99
CA SER A 66 -4.32 -7.06 47.69
C SER A 66 -4.01 -7.59 46.30
N ALA A 67 -2.78 -7.38 45.85
CA ALA A 67 -2.37 -7.84 44.52
C ALA A 67 -2.21 -9.36 44.50
N SER A 68 -2.28 -9.99 45.66
CA SER A 68 -2.17 -11.44 45.77
C SER A 68 -3.54 -12.11 45.75
N ASP A 69 -4.55 -11.39 46.21
CA ASP A 69 -5.92 -11.92 46.21
C ASP A 69 -6.54 -11.86 44.82
N VAL A 70 -6.00 -10.99 43.98
CA VAL A 70 -6.48 -10.85 42.61
C VAL A 70 -5.99 -12.02 41.75
N GLU A 71 -4.75 -12.43 41.99
CA GLU A 71 -4.16 -13.54 41.25
C GLU A 71 -4.96 -14.82 41.46
N GLU A 72 -5.48 -15.01 42.66
CA GLU A 72 -6.28 -16.19 42.98
C GLU A 72 -7.54 -16.24 42.13
N ARG A 73 -8.24 -15.12 42.06
CA ARG A 73 -9.48 -15.03 41.28
C ARG A 73 -9.23 -15.29 39.80
N VAL A 74 -8.01 -15.00 39.35
CA VAL A 74 -7.64 -15.15 37.95
C VAL A 74 -7.40 -16.62 37.59
N GLN A 75 -6.66 -17.32 38.44
CA GLN A 75 -6.31 -18.72 38.19
C GLN A 75 -7.54 -19.62 38.25
N LYS A 76 -8.58 -19.18 38.95
CA LYS A 76 -9.79 -19.96 39.12
C LYS A 76 -10.79 -19.75 37.98
N SER A 77 -11.11 -18.48 37.71
CA SER A 77 -12.08 -18.14 36.67
C SER A 77 -11.53 -18.40 35.27
N PHE A 78 -10.38 -17.78 34.96
CA PHE A 78 -9.78 -17.93 33.64
C PHE A 78 -9.37 -19.36 33.36
N PRO A 79 -9.84 -19.91 32.22
CA PRO A 79 -9.50 -21.27 31.80
C PRO A 79 -8.00 -21.42 31.52
N HIS A 80 -7.61 -22.60 31.05
CA HIS A 80 -6.21 -22.89 30.77
C HIS A 80 -6.00 -22.99 29.26
N PRO A 81 -4.81 -22.60 28.79
CA PRO A 81 -3.70 -22.05 29.58
C PRO A 81 -3.74 -20.54 29.64
N ILE A 82 -4.84 -19.93 29.19
CA ILE A 82 -4.95 -18.48 29.14
C ILE A 82 -4.72 -17.83 30.51
N ASP A 83 -4.97 -18.59 31.57
CA ASP A 83 -4.80 -18.09 32.93
C ASP A 83 -3.34 -18.07 33.35
N LYS A 84 -2.53 -18.91 32.72
CA LYS A 84 -1.11 -19.01 33.06
C LYS A 84 -0.28 -17.94 32.36
N TRP A 85 -0.69 -17.57 31.16
CA TRP A 85 0.01 -16.53 30.40
C TRP A 85 -0.42 -15.14 30.86
N ALA A 86 -1.64 -15.03 31.34
CA ALA A 86 -2.17 -13.75 31.81
C ALA A 86 -1.47 -13.29 33.09
N ILE A 87 -1.36 -14.20 34.05
CA ILE A 87 -0.71 -13.89 35.32
C ILE A 87 0.76 -13.55 35.14
N ALA A 88 1.35 -14.04 34.05
CA ALA A 88 2.75 -13.77 33.75
C ALA A 88 2.94 -12.36 33.21
N ASP A 89 1.89 -11.84 32.57
CA ASP A 89 1.93 -10.49 32.01
C ASP A 89 1.62 -9.45 33.09
N ALA A 90 0.57 -9.69 33.86
CA ALA A 90 0.18 -8.77 34.92
C ALA A 90 1.30 -8.62 35.95
N GLN A 91 2.00 -9.71 36.23
CA GLN A 91 3.12 -9.69 37.15
C GLN A 91 4.23 -8.79 36.61
N SER A 92 4.40 -8.79 35.29
CA SER A 92 5.41 -7.97 34.66
C SER A 92 5.17 -6.49 34.93
N ALA A 93 3.92 -6.15 35.25
CA ALA A 93 3.55 -4.77 35.56
C ALA A 93 3.98 -4.39 36.97
N ILE A 94 3.99 -5.37 37.86
CA ILE A 94 4.38 -5.14 39.25
C ILE A 94 5.89 -5.18 39.43
N GLU A 95 6.55 -6.03 38.65
CA GLU A 95 8.01 -6.16 38.70
C GLU A 95 8.69 -4.87 38.24
N LYS A 96 7.90 -3.97 37.67
CA LYS A 96 8.41 -2.69 37.17
C LYS A 96 9.46 -2.90 36.08
N ARG A 97 9.48 -4.09 35.50
CA ARG A 97 10.43 -4.40 34.43
C ARG A 97 10.07 -3.66 33.15
N LYS A 98 11.05 -3.50 32.27
CA LYS A 98 10.85 -2.76 31.03
C LYS A 98 9.72 -3.35 30.18
N ARG A 99 8.85 -2.48 29.69
CA ARG A 99 7.73 -2.91 28.86
C ARG A 99 7.50 -1.91 27.73
N ARG A 100 6.93 -2.38 26.63
CA ARG A 100 6.66 -1.54 25.47
C ARG A 100 6.04 -0.21 25.89
N ASN A 101 5.00 -0.28 26.71
CA ASN A 101 4.31 0.92 27.17
C ASN A 101 3.40 0.63 28.36
N PRO A 102 3.16 1.66 29.19
CA PRO A 102 2.23 1.52 30.33
C PRO A 102 0.85 1.12 29.83
N LEU A 103 -0.03 0.76 30.76
CA LEU A 103 -1.38 0.34 30.41
C LEU A 103 -2.06 1.36 29.49
N SER A 104 -2.26 0.95 28.24
CA SER A 104 -2.87 1.83 27.22
C SER A 104 -4.17 2.43 27.71
N LEU A 105 -4.99 1.62 28.37
CA LEU A 105 -6.25 2.07 28.93
C LEU A 105 -6.00 3.01 30.10
N PRO A 106 -6.65 4.18 30.09
CA PRO A 106 -6.46 5.20 31.12
C PRO A 106 -6.55 4.62 32.53
N VAL A 107 -5.41 4.48 33.19
CA VAL A 107 -5.34 3.92 34.53
C VAL A 107 -5.91 4.89 35.56
N GLU A 108 -5.58 6.17 35.43
CA GLU A 108 -6.07 7.18 36.36
C GLU A 108 -7.56 7.42 36.19
N LYS A 109 -8.14 6.81 35.16
CA LYS A 109 -9.58 6.89 34.95
C LYS A 109 -10.27 5.66 35.54
N ILE A 110 -9.54 4.54 35.57
CA ILE A 110 -10.09 3.29 36.06
C ILE A 110 -9.92 3.16 37.57
N HIS A 111 -8.81 3.69 38.08
CA HIS A 111 -8.47 3.57 39.50
C HIS A 111 -9.57 4.08 40.44
N PRO A 112 -10.08 5.30 40.20
CA PRO A 112 -11.13 5.84 41.06
C PRO A 112 -12.43 5.06 40.95
N LEU A 113 -12.73 4.58 39.75
CA LEU A 113 -13.97 3.86 39.49
C LEU A 113 -13.95 2.45 40.09
N LEU A 114 -12.74 1.92 40.31
CA LEU A 114 -12.58 0.59 40.88
C LEU A 114 -13.02 0.55 42.35
N LYS A 115 -12.65 1.58 43.10
CA LYS A 115 -12.97 1.64 44.52
C LYS A 115 -14.47 1.84 44.74
N GLU A 116 -15.16 2.28 43.69
CA GLU A 116 -16.60 2.46 43.73
C GLU A 116 -17.32 1.12 43.55
N VAL A 117 -16.91 0.38 42.52
CA VAL A 117 -17.49 -0.92 42.23
C VAL A 117 -17.12 -1.95 43.30
N LEU A 118 -15.87 -1.90 43.74
CA LEU A 118 -15.38 -2.84 44.75
C LEU A 118 -16.02 -2.56 46.10
N GLY A 119 -16.06 -1.28 46.49
CA GLY A 119 -16.72 -0.87 47.71
C GLY A 119 -15.81 -0.34 48.79
N TYR A 120 -14.50 -0.48 48.59
CA TYR A 120 -13.53 -0.03 49.59
C TYR A 120 -12.23 0.48 48.98
N LYS A 121 -11.32 0.92 49.84
CA LYS A 121 -10.05 1.48 49.41
C LYS A 121 -9.05 0.39 49.02
N ILE A 122 -8.28 0.65 47.98
CA ILE A 122 -7.28 -0.30 47.51
C ILE A 122 -5.99 0.42 47.08
N ASP A 123 -4.86 -0.25 47.28
CA ASP A 123 -3.57 0.30 46.90
C ASP A 123 -3.50 0.50 45.39
N HIS A 124 -2.62 1.38 44.95
CA HIS A 124 -2.44 1.63 43.52
C HIS A 124 -1.79 0.43 42.84
N GLN A 125 -1.06 -0.37 43.60
CA GLN A 125 -0.42 -1.57 43.08
C GLN A 125 -1.45 -2.62 42.70
N VAL A 126 -2.57 -2.63 43.41
CA VAL A 126 -3.66 -3.55 43.15
C VAL A 126 -4.38 -3.19 41.86
N SER A 127 -4.70 -1.90 41.71
CA SER A 127 -5.40 -1.42 40.53
C SER A 127 -4.63 -1.71 39.24
N VAL A 128 -3.33 -1.44 39.26
CA VAL A 128 -2.48 -1.67 38.09
C VAL A 128 -2.50 -3.14 37.68
N TYR A 129 -2.50 -4.03 38.67
CA TYR A 129 -2.55 -5.46 38.41
C TYR A 129 -3.86 -5.84 37.73
N ILE A 130 -4.95 -5.19 38.13
CA ILE A 130 -6.26 -5.49 37.56
C ILE A 130 -6.36 -5.03 36.12
N VAL A 131 -5.96 -3.79 35.86
CA VAL A 131 -5.98 -3.24 34.51
C VAL A 131 -5.02 -4.02 33.61
N ALA A 132 -3.90 -4.46 34.18
CA ALA A 132 -2.92 -5.24 33.43
C ALA A 132 -3.59 -6.45 32.80
N VAL A 133 -4.43 -7.11 33.58
CA VAL A 133 -5.20 -8.25 33.09
C VAL A 133 -6.22 -7.81 32.03
N LEU A 134 -6.87 -6.68 32.28
CA LEU A 134 -7.84 -6.14 31.33
C LEU A 134 -7.18 -5.83 29.99
N GLU A 135 -5.92 -5.40 30.04
CA GLU A 135 -5.17 -5.11 28.82
C GLU A 135 -4.87 -6.40 28.07
N TYR A 136 -4.40 -7.41 28.77
CA TYR A 136 -4.07 -8.68 28.15
C TYR A 136 -5.28 -9.27 27.44
N ILE A 137 -6.45 -9.04 28.01
CA ILE A 137 -7.69 -9.58 27.45
C ILE A 137 -8.18 -8.74 26.28
N SER A 138 -8.07 -7.43 26.39
CA SER A 138 -8.45 -6.55 25.30
C SER A 138 -7.65 -6.90 24.05
N ALA A 139 -6.33 -6.94 24.22
CA ALA A 139 -5.43 -7.23 23.11
C ALA A 139 -5.65 -8.64 22.57
N ASP A 140 -6.10 -9.53 23.45
CA ASP A 140 -6.33 -10.93 23.07
C ASP A 140 -7.53 -11.07 22.13
N ILE A 141 -8.57 -10.29 22.38
CA ILE A 141 -9.75 -10.30 21.52
C ILE A 141 -9.44 -9.72 20.15
N LEU A 142 -8.81 -8.54 20.14
CA LEU A 142 -8.42 -7.89 18.90
C LEU A 142 -7.43 -8.72 18.12
N LYS A 143 -6.58 -9.45 18.83
CA LYS A 143 -5.58 -10.32 18.22
C LYS A 143 -6.25 -11.50 17.52
N LEU A 144 -7.33 -11.99 18.12
CA LEU A 144 -8.07 -13.13 17.57
C LEU A 144 -8.90 -12.72 16.37
N VAL A 145 -9.81 -11.77 16.58
CA VAL A 145 -10.67 -11.28 15.50
C VAL A 145 -9.84 -10.73 14.34
N GLY A 146 -8.67 -10.18 14.67
CA GLY A 146 -7.78 -9.65 13.66
C GLY A 146 -7.24 -10.73 12.75
N ASN A 147 -7.05 -11.93 13.31
CA ASN A 147 -6.60 -13.07 12.53
C ASN A 147 -7.61 -13.47 11.47
N TYR A 148 -8.87 -13.59 11.89
CA TYR A 148 -9.95 -13.96 10.97
C TYR A 148 -10.13 -12.94 9.86
N VAL A 149 -10.02 -11.66 10.22
CA VAL A 149 -10.11 -10.58 9.24
C VAL A 149 -8.92 -10.64 8.29
N ARG A 150 -7.79 -11.12 8.79
CA ARG A 150 -6.58 -11.26 7.98
C ARG A 150 -6.67 -12.48 7.08
N ASN A 151 -7.42 -13.49 7.51
CA ASN A 151 -7.60 -14.72 6.74
C ASN A 151 -8.62 -14.56 5.62
N ILE A 152 -9.74 -13.92 5.91
CA ILE A 152 -10.79 -13.71 4.92
C ILE A 152 -10.39 -12.63 3.92
N ARG A 153 -9.25 -11.99 4.17
CA ARG A 153 -8.75 -10.93 3.31
C ARG A 153 -9.78 -9.82 3.16
N HIS A 154 -10.05 -9.12 4.26
CA HIS A 154 -11.02 -8.03 4.26
C HIS A 154 -10.34 -6.70 4.57
N TYR A 155 -9.34 -6.75 5.46
CA TYR A 155 -8.54 -5.58 5.81
C TYR A 155 -9.28 -4.58 6.71
N GLU A 156 -10.53 -4.92 7.07
CA GLU A 156 -11.29 -4.07 7.98
C GLU A 156 -12.02 -4.89 9.05
N ILE A 157 -12.06 -4.36 10.26
CA ILE A 157 -12.73 -5.03 11.38
C ILE A 157 -14.07 -4.36 11.71
N THR A 158 -15.10 -5.16 11.91
CA THR A 158 -16.43 -4.65 12.21
C THR A 158 -17.02 -5.35 13.43
N LYS A 159 -17.93 -4.67 14.12
CA LYS A 159 -18.59 -5.24 15.29
C LYS A 159 -19.14 -6.63 15.02
N GLN A 160 -19.50 -6.88 13.77
CA GLN A 160 -20.10 -8.16 13.38
C GLN A 160 -19.09 -9.31 13.42
N ASP A 161 -17.93 -9.11 12.80
CA ASP A 161 -16.91 -10.16 12.73
C ASP A 161 -16.32 -10.48 14.11
N ILE A 162 -16.54 -9.58 15.06
CA ILE A 162 -16.06 -9.80 16.43
C ILE A 162 -16.86 -10.93 17.06
N LYS A 163 -18.17 -10.93 16.83
CA LYS A 163 -19.05 -11.97 17.35
C LYS A 163 -18.67 -13.33 16.80
N VAL A 164 -18.36 -13.37 15.50
CA VAL A 164 -18.00 -14.62 14.84
C VAL A 164 -16.78 -15.26 15.49
N ALA A 165 -15.76 -14.45 15.75
CA ALA A 165 -14.54 -14.94 16.40
C ALA A 165 -14.82 -15.39 17.82
N MET A 166 -15.81 -14.77 18.47
CA MET A 166 -16.18 -15.13 19.83
C MET A 166 -16.75 -16.55 19.88
N CYS A 167 -17.76 -16.80 19.06
CA CYS A 167 -18.41 -18.09 19.02
C CYS A 167 -17.43 -19.22 18.75
N ALA A 168 -16.44 -18.96 17.91
CA ALA A 168 -15.45 -19.97 17.55
C ALA A 168 -14.61 -20.39 18.75
N ASP A 169 -14.56 -19.55 19.78
CA ASP A 169 -13.80 -19.86 20.97
C ASP A 169 -14.58 -20.75 21.92
N LYS A 170 -13.87 -21.29 22.91
CA LYS A 170 -14.49 -22.09 23.96
C LYS A 170 -14.09 -21.52 25.31
N VAL A 171 -13.07 -20.67 25.30
CA VAL A 171 -12.59 -20.03 26.50
C VAL A 171 -13.35 -18.73 26.77
N LEU A 172 -13.41 -17.88 25.74
CA LEU A 172 -14.10 -16.60 25.86
C LEU A 172 -15.60 -16.79 26.01
N MET A 173 -16.10 -17.92 25.53
CA MET A 173 -17.52 -18.23 25.65
C MET A 173 -17.82 -18.91 26.98
N ASP A 174 -16.76 -19.20 27.73
CA ASP A 174 -16.90 -19.84 29.04
C ASP A 174 -16.85 -18.79 30.15
N MET A 175 -16.39 -17.59 29.80
CA MET A 175 -16.29 -16.50 30.76
C MET A 175 -17.25 -15.36 30.43
N PHE A 176 -17.53 -15.17 29.15
CA PHE A 176 -18.47 -14.14 28.71
C PHE A 176 -19.83 -14.75 28.37
N HIS A 177 -19.82 -16.04 28.02
CA HIS A 177 -21.04 -16.75 27.67
C HIS A 177 -21.81 -16.04 26.56
N THR A 195 -17.79 -14.82 -8.25
CA THR A 195 -16.75 -13.81 -8.07
C THR A 195 -15.40 -14.46 -7.76
N SER A 196 -14.37 -14.05 -8.47
CA SER A 196 -14.51 -13.02 -9.50
C SER A 196 -14.11 -13.57 -10.88
N GLY A 197 -14.95 -13.28 -11.87
CA GLY A 197 -14.69 -13.73 -13.23
C GLY A 197 -13.48 -13.06 -13.85
N GLU A 198 -13.28 -11.79 -13.50
CA GLU A 198 -12.15 -11.03 -14.02
C GLU A 198 -10.83 -11.57 -13.48
N GLN A 199 -9.80 -11.56 -14.31
CA GLN A 199 -8.48 -12.05 -13.92
C GLN A 199 -7.36 -11.13 -14.42
N THR A 200 -7.27 -9.95 -13.83
CA THR A 200 -6.25 -8.98 -14.22
C THR A 200 -4.86 -9.42 -13.77
N TYR A 201 -3.84 -8.97 -14.48
CA TYR A 201 -2.47 -9.38 -14.21
C TYR A 201 -1.95 -8.84 -12.88
N TYR A 202 -2.37 -7.63 -12.54
CA TYR A 202 -1.91 -6.99 -11.31
C TYR A 202 -2.59 -7.58 -10.08
N ASP A 203 -3.86 -7.94 -10.22
CA ASP A 203 -4.63 -8.47 -9.09
C ASP A 203 -4.09 -9.81 -8.61
N LEU A 204 -3.79 -10.70 -9.54
CA LEU A 204 -3.29 -12.03 -9.20
C LEU A 204 -2.01 -11.95 -8.37
N VAL A 205 -1.22 -10.92 -8.63
CA VAL A 205 0.01 -10.71 -7.86
C VAL A 205 -0.33 -10.30 -6.43
N LYS A 206 -1.19 -9.29 -6.29
CA LYS A 206 -1.64 -8.84 -4.97
C LYS A 206 -2.38 -9.95 -4.24
N ALA A 207 -3.01 -10.84 -5.00
CA ALA A 207 -3.75 -11.95 -4.43
C ALA A 207 -2.81 -13.05 -3.95
N PHE A 208 -1.88 -13.43 -4.81
CA PHE A 208 -0.89 -14.44 -4.47
C PHE A 208 -0.09 -14.01 -3.24
N MET A 209 0.29 -12.73 -3.21
CA MET A 209 1.04 -12.18 -2.09
C MET A 209 0.24 -12.26 -0.79
N ALA A 210 -1.07 -12.21 -0.90
CA ALA A 210 -1.93 -12.32 0.27
C ALA A 210 -2.06 -13.78 0.69
N GLU A 211 -1.97 -14.67 -0.29
CA GLU A 211 -2.07 -16.11 -0.03
C GLU A 211 -0.79 -16.65 0.59
N ILE A 212 0.35 -16.26 0.02
CA ILE A 212 1.64 -16.72 0.51
C ILE A 212 1.90 -16.23 1.94
N ARG A 213 1.32 -15.10 2.29
CA ARG A 213 1.46 -14.57 3.65
C ARG A 213 0.74 -15.48 4.64
N GLN A 214 -0.45 -15.93 4.26
CA GLN A 214 -1.22 -16.85 5.09
C GLN A 214 -0.53 -18.22 5.14
N TYR A 215 -0.03 -18.64 3.98
CA TYR A 215 0.73 -19.88 3.89
C TYR A 215 1.90 -19.87 4.86
N ILE A 216 2.73 -18.83 4.79
CA ILE A 216 3.89 -18.73 5.67
C ILE A 216 3.48 -18.78 7.14
N ARG A 217 2.31 -18.22 7.43
CA ARG A 217 1.79 -18.23 8.80
C ARG A 217 1.48 -19.65 9.24
N GLU A 218 0.94 -20.45 8.31
CA GLU A 218 0.63 -21.84 8.60
C GLU A 218 1.91 -22.64 8.81
N LEU A 219 2.94 -22.31 8.02
CA LEU A 219 4.24 -22.95 8.15
C LEU A 219 4.81 -22.73 9.55
N ASN A 220 4.80 -21.48 10.00
CA ASN A 220 5.29 -21.14 11.33
C ASN A 220 4.48 -21.84 12.42
N LEU A 221 3.22 -22.12 12.12
CA LEU A 221 2.35 -22.84 13.04
C LEU A 221 2.79 -24.29 13.13
N ILE A 222 3.21 -24.85 12.00
CA ILE A 222 3.65 -26.24 11.95
C ILE A 222 5.05 -26.38 12.54
N ILE A 223 5.85 -25.34 12.39
CA ILE A 223 7.25 -25.38 12.80
C ILE A 223 7.46 -25.01 14.26
N LYS A 224 6.84 -23.90 14.68
CA LYS A 224 7.10 -23.35 16.01
C LYS A 224 6.07 -23.77 17.06
N VAL A 225 5.06 -24.53 16.64
CA VAL A 225 4.02 -24.99 17.54
C VAL A 225 3.92 -26.50 17.59
N PHE A 226 3.96 -27.13 16.42
CA PHE A 226 3.91 -28.59 16.32
C PHE A 226 5.30 -29.19 16.33
N ARG A 227 6.19 -28.66 15.50
CA ARG A 227 7.52 -29.23 15.33
C ARG A 227 8.44 -28.90 16.50
N GLU A 228 8.21 -27.76 17.15
CA GLU A 228 9.04 -27.33 18.26
C GLU A 228 9.09 -28.33 19.42
N PRO A 229 7.93 -28.86 19.83
CA PRO A 229 7.90 -29.85 20.92
C PRO A 229 8.76 -31.08 20.63
N PHE A 230 8.75 -31.55 19.38
CA PHE A 230 9.53 -32.71 18.99
C PHE A 230 11.03 -32.42 18.97
N VAL A 231 11.38 -31.15 18.81
CA VAL A 231 12.77 -30.74 18.79
C VAL A 231 13.27 -30.42 20.20
N SER A 232 12.34 -30.01 21.06
CA SER A 232 12.68 -29.68 22.44
C SER A 232 13.07 -30.95 23.20
N ASN A 233 12.17 -31.92 23.23
CA ASN A 233 12.43 -33.18 23.90
C ASN A 233 13.29 -34.10 23.04
N SER A 234 14.60 -34.09 23.30
CA SER A 234 15.53 -34.87 22.50
C SER A 234 15.59 -36.32 22.94
N LYS A 235 15.58 -36.54 24.26
CA LYS A 235 15.67 -37.89 24.80
C LYS A 235 14.51 -38.76 24.36
N LEU A 236 13.40 -38.13 23.98
CA LEU A 236 12.21 -38.85 23.54
C LEU A 236 12.17 -38.93 22.02
N PHE A 237 12.41 -37.78 21.38
CA PHE A 237 12.41 -37.71 19.91
C PHE A 237 13.78 -37.37 19.38
N SER A 238 14.33 -38.25 18.55
CA SER A 238 15.66 -38.07 17.99
C SER A 238 15.62 -37.21 16.73
N ALA A 239 16.79 -36.96 16.15
CA ALA A 239 16.90 -36.16 14.93
C ALA A 239 16.08 -36.77 13.80
N ASN A 240 16.46 -37.96 13.36
CA ASN A 240 15.75 -38.65 12.29
C ASN A 240 14.29 -38.86 12.66
N ASP A 241 14.01 -38.93 13.96
CA ASP A 241 12.65 -39.14 14.43
C ASP A 241 11.74 -38.00 13.97
N VAL A 242 12.29 -36.79 14.01
CA VAL A 242 11.54 -35.60 13.58
C VAL A 242 11.42 -35.54 12.06
N GLU A 243 12.51 -35.89 11.38
CA GLU A 243 12.52 -35.88 9.92
C GLU A 243 11.40 -36.75 9.34
N ASN A 244 11.19 -37.92 9.94
CA ASN A 244 10.19 -38.84 9.43
C ASN A 244 8.78 -38.28 9.52
N ILE A 245 8.63 -37.16 10.21
CA ILE A 245 7.31 -36.58 10.42
C ILE A 245 7.04 -35.40 9.48
N PHE A 246 7.94 -34.42 9.50
CA PHE A 246 7.75 -33.20 8.72
C PHE A 246 8.50 -33.24 7.39
N SER A 247 9.72 -33.76 7.40
CA SER A 247 10.49 -33.97 6.18
C SER A 247 10.71 -32.68 5.39
N ARG A 248 11.78 -31.97 5.70
CA ARG A 248 12.13 -30.75 4.97
C ARG A 248 11.00 -29.75 4.90
N ILE A 249 10.44 -29.40 6.06
CA ILE A 249 9.39 -28.40 6.13
C ILE A 249 10.00 -27.02 6.32
N VAL A 250 11.11 -26.96 7.03
CA VAL A 250 11.83 -25.72 7.25
C VAL A 250 12.32 -25.14 5.94
N ASP A 251 12.86 -26.00 5.08
CA ASP A 251 13.39 -25.56 3.79
C ASP A 251 12.30 -24.89 2.96
N ILE A 252 11.11 -25.47 2.96
CA ILE A 252 9.98 -24.90 2.24
C ILE A 252 9.64 -23.51 2.77
N HIS A 253 9.84 -23.32 4.07
CA HIS A 253 9.56 -22.05 4.71
C HIS A 253 10.56 -20.97 4.28
N GLU A 254 11.84 -21.30 4.39
CA GLU A 254 12.91 -20.37 4.02
C GLU A 254 12.78 -19.93 2.57
N LEU A 255 12.11 -20.75 1.77
CA LEU A 255 11.89 -20.43 0.36
C LEU A 255 10.73 -19.46 0.20
N SER A 256 9.63 -19.75 0.89
CA SER A 256 8.43 -18.93 0.79
C SER A 256 8.71 -17.52 1.29
N VAL A 257 9.53 -17.42 2.33
CA VAL A 257 9.93 -16.12 2.85
C VAL A 257 10.70 -15.32 1.80
N LYS A 258 11.73 -15.94 1.23
CA LYS A 258 12.55 -15.28 0.22
C LYS A 258 11.71 -14.86 -0.98
N LEU A 259 10.88 -15.77 -1.46
CA LEU A 259 9.99 -15.49 -2.59
C LEU A 259 9.03 -14.36 -2.23
N LEU A 260 8.55 -14.37 -0.99
CA LEU A 260 7.68 -13.31 -0.51
C LEU A 260 8.47 -12.01 -0.40
N GLY A 261 9.77 -12.14 -0.17
CA GLY A 261 10.65 -10.98 -0.11
C GLY A 261 10.81 -10.32 -1.47
N HIS A 262 11.29 -11.09 -2.44
CA HIS A 262 11.53 -10.57 -3.78
C HIS A 262 10.26 -10.11 -4.48
N ILE A 263 9.12 -10.63 -4.04
CA ILE A 263 7.84 -10.27 -4.64
C ILE A 263 7.35 -8.92 -4.10
N GLU A 264 7.70 -8.63 -2.85
CA GLU A 264 7.32 -7.37 -2.23
C GLU A 264 8.26 -6.27 -2.66
N ASP A 265 9.47 -6.66 -3.06
CA ASP A 265 10.49 -5.72 -3.50
C ASP A 265 10.25 -5.26 -4.94
N THR A 266 9.87 -6.20 -5.80
CA THR A 266 9.65 -5.89 -7.20
C THR A 266 8.49 -4.91 -7.37
N VAL A 267 7.46 -5.07 -6.54
CA VAL A 267 6.30 -4.19 -6.58
C VAL A 267 6.65 -2.82 -6.02
N GLU A 268 7.42 -2.81 -4.94
CA GLU A 268 7.85 -1.57 -4.30
C GLU A 268 8.69 -0.71 -5.25
N MET A 269 9.32 -1.36 -6.22
CA MET A 269 10.17 -0.65 -7.18
C MET A 269 9.41 -0.22 -8.41
N THR A 270 8.21 -0.76 -8.59
CA THR A 270 7.38 -0.44 -9.75
C THR A 270 6.72 0.93 -9.60
N ASP A 271 7.04 1.84 -10.52
CA ASP A 271 6.48 3.19 -10.51
C ASP A 271 5.02 3.18 -10.94
N GLU A 272 4.37 4.33 -10.84
CA GLU A 272 2.98 4.47 -11.23
C GLU A 272 2.82 4.43 -12.75
N GLY A 273 3.89 4.75 -13.46
CA GLY A 273 3.87 4.76 -14.90
C GLY A 273 4.18 3.40 -15.50
N SER A 274 3.59 2.37 -14.93
CA SER A 274 3.82 1.02 -15.39
C SER A 274 2.56 0.16 -15.24
N PRO A 275 2.25 -0.63 -16.27
CA PRO A 275 1.06 -1.49 -16.28
C PRO A 275 1.08 -2.49 -15.14
N HIS A 276 2.22 -3.13 -14.93
CA HIS A 276 2.36 -4.14 -13.89
C HIS A 276 3.82 -4.44 -13.63
N PRO A 277 4.17 -4.74 -12.37
CA PRO A 277 5.55 -5.07 -11.99
C PRO A 277 6.09 -6.24 -12.80
N LEU A 278 7.41 -6.31 -12.97
CA LEU A 278 8.05 -7.38 -13.70
C LEU A 278 8.56 -8.46 -12.77
N VAL A 279 7.68 -9.41 -12.45
CA VAL A 279 8.01 -10.48 -11.50
C VAL A 279 8.60 -11.70 -12.19
N GLY A 280 8.56 -11.70 -13.51
CA GLY A 280 9.08 -12.82 -14.29
C GLY A 280 10.51 -13.16 -13.96
N SER A 281 11.32 -12.13 -13.71
CA SER A 281 12.73 -12.33 -13.40
C SER A 281 12.90 -13.03 -12.06
N CYS A 282 11.97 -12.78 -11.14
CA CYS A 282 12.02 -13.36 -9.81
C CYS A 282 11.95 -14.88 -9.85
N PHE A 283 10.96 -15.40 -10.57
CA PHE A 283 10.79 -16.84 -10.70
C PHE A 283 11.96 -17.50 -11.43
N GLU A 284 12.50 -16.78 -12.42
CA GLU A 284 13.60 -17.30 -13.22
C GLU A 284 14.82 -17.61 -12.36
N ASP A 285 15.07 -16.78 -11.36
CA ASP A 285 16.22 -16.98 -10.47
C ASP A 285 16.04 -18.21 -9.61
N LEU A 286 14.87 -18.32 -8.98
CA LEU A 286 14.58 -19.45 -8.11
C LEU A 286 14.54 -20.75 -8.89
N ALA A 287 13.92 -20.71 -10.07
CA ALA A 287 13.83 -21.88 -10.92
C ALA A 287 15.19 -22.32 -11.45
N GLU A 288 16.05 -21.34 -11.75
CA GLU A 288 17.39 -21.61 -12.25
C GLU A 288 18.24 -22.31 -11.20
N GLU A 289 17.94 -22.03 -9.94
CA GLU A 289 18.65 -22.65 -8.83
C GLU A 289 17.94 -23.92 -8.36
N LEU A 290 16.85 -24.25 -9.03
CA LEU A 290 16.04 -25.42 -8.68
C LEU A 290 15.65 -25.36 -7.20
N ALA A 291 15.19 -24.20 -6.76
CA ALA A 291 14.81 -24.01 -5.36
C ALA A 291 13.52 -24.74 -5.05
N PHE A 292 12.77 -25.09 -6.09
CA PHE A 292 11.51 -25.80 -5.93
C PHE A 292 11.71 -27.31 -5.92
N ASP A 293 12.86 -27.74 -5.43
CA ASP A 293 13.16 -29.17 -5.31
C ASP A 293 12.69 -29.75 -3.98
N PRO A 294 12.94 -29.04 -2.87
CA PRO A 294 12.48 -29.52 -1.55
C PRO A 294 10.99 -29.78 -1.53
N TYR A 295 10.25 -29.14 -2.42
CA TYR A 295 8.81 -29.37 -2.53
C TYR A 295 8.54 -30.78 -3.03
N GLU A 296 9.38 -31.26 -3.94
CA GLU A 296 9.25 -32.61 -4.47
C GLU A 296 9.57 -33.64 -3.40
N SER A 297 10.71 -33.45 -2.74
CA SER A 297 11.10 -34.32 -1.62
C SER A 297 10.01 -34.35 -0.56
N TYR A 298 9.37 -33.21 -0.35
CA TYR A 298 8.32 -33.10 0.66
C TYR A 298 7.06 -33.82 0.20
N ALA A 299 6.63 -33.55 -1.02
CA ALA A 299 5.39 -34.11 -1.56
C ALA A 299 5.40 -35.64 -1.56
N ARG A 300 6.58 -36.22 -1.62
CA ARG A 300 6.69 -37.69 -1.61
C ARG A 300 6.63 -38.23 -0.18
N ASP A 301 7.48 -37.70 0.68
CA ASP A 301 7.56 -38.15 2.07
C ASP A 301 6.24 -38.01 2.83
N ILE A 302 5.27 -37.34 2.23
CA ILE A 302 3.99 -37.09 2.88
C ILE A 302 2.87 -37.95 2.28
N LEU A 303 2.99 -38.25 0.99
CA LEU A 303 2.00 -39.05 0.29
C LEU A 303 2.40 -40.52 0.21
N ARG A 304 3.45 -40.89 0.94
CA ARG A 304 3.88 -42.28 1.01
C ARG A 304 2.80 -43.15 1.64
N PRO A 305 2.70 -44.41 1.20
CA PRO A 305 1.74 -45.36 1.75
C PRO A 305 2.04 -45.65 3.22
N GLY A 306 3.31 -45.65 3.59
CA GLY A 306 3.72 -45.94 4.96
C GLY A 306 4.04 -44.70 5.76
N PHE A 307 3.18 -43.69 5.66
CA PHE A 307 3.38 -42.43 6.38
C PHE A 307 2.52 -42.37 7.64
N HIS A 308 1.21 -42.51 7.46
CA HIS A 308 0.28 -42.50 8.58
C HIS A 308 0.65 -43.57 9.60
N ASP A 309 1.19 -44.69 9.13
CA ASP A 309 1.63 -45.77 10.00
C ASP A 309 2.74 -45.30 10.93
N ARG A 310 3.85 -44.86 10.34
CA ARG A 310 4.98 -44.36 11.12
C ARG A 310 4.51 -43.24 12.04
N PHE A 311 3.54 -42.47 11.58
CA PHE A 311 3.03 -41.34 12.34
C PHE A 311 2.30 -41.81 13.59
N LEU A 312 1.19 -42.52 13.40
CA LEU A 312 0.40 -43.01 14.51
C LEU A 312 1.23 -43.90 15.43
N SER A 313 2.24 -44.56 14.87
CA SER A 313 3.12 -45.41 15.65
C SER A 313 4.22 -44.60 16.31
N GLN A 314 4.08 -43.28 16.28
CA GLN A 314 5.07 -42.39 16.88
C GLN A 314 4.51 -41.71 18.12
N LEU A 315 3.19 -41.55 18.15
CA LEU A 315 2.52 -40.93 19.29
C LEU A 315 1.99 -41.99 20.26
N SER A 316 2.31 -43.25 19.97
CA SER A 316 1.84 -44.35 20.80
C SER A 316 2.94 -44.92 21.67
N LYS A 317 4.19 -44.76 21.22
CA LYS A 317 5.34 -45.28 21.95
C LYS A 317 5.40 -44.69 23.35
N PRO A 318 6.03 -45.42 24.29
CA PRO A 318 6.14 -44.99 25.69
C PRO A 318 6.72 -43.58 25.81
N GLY A 319 6.11 -42.77 26.67
CA GLY A 319 6.58 -41.41 26.91
C GLY A 319 5.93 -40.39 25.99
N ALA A 320 5.59 -40.82 24.78
CA ALA A 320 4.99 -39.93 23.78
C ALA A 320 3.60 -39.46 24.18
N ALA A 321 2.74 -40.40 24.54
CA ALA A 321 1.36 -40.09 24.90
C ALA A 321 1.29 -39.18 26.13
N LEU A 322 2.33 -39.21 26.94
CA LEU A 322 2.36 -38.42 28.17
C LEU A 322 2.97 -37.03 27.95
N TYR A 323 3.96 -36.97 27.08
CA TYR A 323 4.64 -35.70 26.79
C TYR A 323 3.73 -34.73 26.03
N LEU A 324 2.92 -35.28 25.13
CA LEU A 324 2.02 -34.45 24.33
C LEU A 324 0.98 -33.76 25.22
N GLN A 325 0.54 -34.45 26.26
CA GLN A 325 -0.46 -33.91 27.16
C GLN A 325 0.13 -32.85 28.10
N SER A 326 1.35 -33.08 28.53
CA SER A 326 2.02 -32.16 29.45
C SER A 326 2.25 -30.79 28.80
N ILE A 327 2.58 -30.79 27.52
CA ILE A 327 2.82 -29.56 26.79
C ILE A 327 1.59 -28.66 26.76
N GLY A 328 0.43 -29.28 26.58
CA GLY A 328 -0.82 -28.56 26.53
C GLY A 328 -2.04 -29.46 26.59
N GLU A 329 -3.17 -28.90 27.01
CA GLU A 329 -4.41 -29.65 27.11
C GLU A 329 -5.09 -29.76 25.75
N GLY A 330 -5.33 -30.99 25.30
CA GLY A 330 -5.95 -31.22 24.01
C GLY A 330 -4.93 -31.23 22.89
N PHE A 331 -3.68 -30.94 23.24
CA PHE A 331 -2.59 -30.91 22.27
C PHE A 331 -2.50 -32.22 21.50
N LYS A 332 -2.47 -33.33 22.23
CA LYS A 332 -2.31 -34.65 21.64
C LYS A 332 -3.35 -34.94 20.55
N GLU A 333 -4.59 -34.57 20.81
CA GLU A 333 -5.68 -34.86 19.88
C GLU A 333 -5.47 -34.22 18.51
N ALA A 334 -4.96 -32.99 18.48
CA ALA A 334 -4.74 -32.28 17.23
C ALA A 334 -3.53 -32.80 16.47
N VAL A 335 -2.45 -33.09 17.20
CA VAL A 335 -1.24 -33.60 16.60
C VAL A 335 -1.49 -34.95 15.90
N GLN A 336 -2.55 -35.64 16.31
CA GLN A 336 -2.87 -36.95 15.76
C GLN A 336 -3.96 -36.89 14.70
N TYR A 337 -4.92 -35.99 14.87
CA TYR A 337 -6.08 -35.94 13.98
C TYR A 337 -6.15 -34.66 13.15
N VAL A 338 -5.13 -33.82 13.24
CA VAL A 338 -5.13 -32.55 12.51
C VAL A 338 -3.80 -32.27 11.81
N LEU A 339 -2.70 -32.44 12.52
CA LEU A 339 -1.38 -32.17 11.97
C LEU A 339 -1.17 -32.78 10.57
N PRO A 340 -1.58 -34.06 10.39
CA PRO A 340 -1.44 -34.68 9.07
C PRO A 340 -2.08 -33.84 7.96
N ARG A 341 -3.24 -33.28 8.23
CA ARG A 341 -3.93 -32.46 7.23
C ARG A 341 -3.23 -31.13 6.99
N LEU A 342 -2.58 -30.61 8.03
CA LEU A 342 -1.86 -29.35 7.93
C LEU A 342 -0.59 -29.50 7.10
N LEU A 343 -0.04 -30.71 7.10
CA LEU A 343 1.19 -30.99 6.36
C LEU A 343 0.92 -31.11 4.86
N LEU A 344 -0.36 -31.16 4.49
CA LEU A 344 -0.75 -31.31 3.09
C LEU A 344 -0.81 -29.96 2.38
N ALA A 345 -0.70 -28.88 3.14
CA ALA A 345 -0.77 -27.53 2.59
C ALA A 345 0.31 -27.22 1.54
N PRO A 346 1.58 -27.52 1.87
CA PRO A 346 2.66 -27.20 0.93
C PRO A 346 2.45 -27.85 -0.44
N VAL A 347 1.63 -28.89 -0.48
CA VAL A 347 1.35 -29.56 -1.74
C VAL A 347 0.46 -28.70 -2.62
N TYR A 348 -0.76 -28.44 -2.15
CA TYR A 348 -1.71 -27.60 -2.87
C TYR A 348 -1.08 -26.26 -3.22
N HIS A 349 -0.27 -25.75 -2.30
CA HIS A 349 0.40 -24.47 -2.47
C HIS A 349 1.33 -24.51 -3.68
N CYS A 350 2.14 -25.57 -3.76
CA CYS A 350 3.11 -25.70 -4.85
C CYS A 350 2.41 -25.90 -6.19
N LEU A 351 1.31 -26.63 -6.18
CA LEU A 351 0.54 -26.86 -7.40
C LEU A 351 -0.12 -25.58 -7.90
N HIS A 352 -0.25 -24.61 -7.00
CA HIS A 352 -0.88 -23.34 -7.34
C HIS A 352 0.05 -22.44 -8.14
N TYR A 353 1.36 -22.63 -7.96
CA TYR A 353 2.36 -21.87 -8.70
C TYR A 353 2.24 -22.15 -10.20
N PHE A 354 2.27 -23.43 -10.55
CA PHE A 354 2.26 -23.83 -11.96
C PHE A 354 1.04 -23.27 -12.69
N GLU A 355 -0.13 -23.42 -12.09
CA GLU A 355 -1.37 -22.95 -12.71
C GLU A 355 -1.46 -21.43 -12.69
N LEU A 356 -0.51 -20.78 -12.00
CA LEU A 356 -0.49 -19.34 -11.90
C LEU A 356 0.50 -18.72 -12.89
N LEU A 357 1.68 -19.33 -13.01
CA LEU A 357 2.69 -18.85 -13.94
C LEU A 357 2.17 -18.85 -15.37
N LYS A 358 1.30 -19.81 -15.69
CA LYS A 358 0.72 -19.89 -17.04
C LYS A 358 -0.24 -18.74 -17.28
N GLN A 359 -0.77 -18.18 -16.20
CA GLN A 359 -1.65 -17.03 -16.29
C GLN A 359 -0.84 -15.75 -16.45
N LEU A 360 0.46 -15.84 -16.16
CA LEU A 360 1.35 -14.68 -16.29
C LEU A 360 1.83 -14.55 -17.74
N GLU A 361 2.27 -15.66 -18.32
CA GLU A 361 2.78 -15.68 -19.68
C GLU A 361 1.69 -15.30 -20.69
N GLU A 362 0.44 -15.61 -20.35
CA GLU A 362 -0.68 -15.31 -21.23
C GLU A 362 -1.09 -13.84 -21.14
N LYS A 363 -0.99 -13.27 -19.94
CA LYS A 363 -1.42 -11.90 -19.70
C LYS A 363 -0.24 -10.96 -19.48
N SER A 364 0.92 -11.32 -19.98
CA SER A 364 2.12 -10.49 -19.84
C SER A 364 2.09 -9.34 -20.86
N GLU A 365 2.24 -8.12 -20.36
CA GLU A 365 2.21 -6.94 -21.21
C GLU A 365 3.63 -6.52 -21.61
N ASP A 366 4.61 -7.33 -21.24
CA ASP A 366 6.01 -7.04 -21.56
C ASP A 366 6.66 -8.22 -22.27
N GLN A 367 7.52 -7.92 -23.24
CA GLN A 367 8.22 -8.95 -24.00
C GLN A 367 9.32 -9.61 -23.17
N GLU A 368 10.22 -8.80 -22.63
CA GLU A 368 11.33 -9.30 -21.84
C GLU A 368 10.83 -10.04 -20.59
N ASP A 369 9.71 -9.58 -20.04
CA ASP A 369 9.12 -10.21 -18.87
C ASP A 369 8.63 -11.60 -19.20
N LYS A 370 7.91 -11.74 -20.31
CA LYS A 370 7.37 -13.03 -20.73
C LYS A 370 8.48 -14.02 -21.06
N GLU A 371 9.65 -13.51 -21.40
CA GLU A 371 10.80 -14.36 -21.71
C GLU A 371 11.29 -15.07 -20.45
N CYS A 372 11.27 -14.38 -19.33
CA CYS A 372 11.69 -14.96 -18.06
C CYS A 372 10.64 -15.92 -17.51
N LEU A 373 9.39 -15.74 -17.94
CA LEU A 373 8.31 -16.63 -17.52
C LEU A 373 8.44 -18.00 -18.17
N LYS A 374 8.78 -18.02 -19.45
CA LYS A 374 8.98 -19.28 -20.16
C LYS A 374 10.18 -20.04 -19.59
N GLN A 375 11.26 -19.32 -19.31
CA GLN A 375 12.45 -19.92 -18.76
C GLN A 375 12.17 -20.51 -17.37
N ALA A 376 11.20 -19.94 -16.67
CA ALA A 376 10.84 -20.41 -15.34
C ALA A 376 9.99 -21.69 -15.44
N ILE A 377 8.93 -21.63 -16.24
CA ILE A 377 8.05 -22.77 -16.41
C ILE A 377 8.79 -23.97 -16.99
N THR A 378 9.75 -23.70 -17.88
CA THR A 378 10.53 -24.77 -18.50
C THR A 378 11.45 -25.45 -17.50
N ALA A 379 12.04 -24.65 -16.61
CA ALA A 379 12.95 -25.19 -15.60
C ALA A 379 12.16 -25.90 -14.50
N LEU A 380 10.85 -25.68 -14.48
CA LEU A 380 9.98 -26.31 -13.50
C LEU A 380 9.12 -27.41 -14.12
N LEU A 381 9.45 -27.79 -15.35
CA LEU A 381 8.74 -28.86 -16.02
C LEU A 381 8.99 -30.20 -15.35
N ASN A 382 10.25 -30.43 -14.97
CA ASN A 382 10.63 -31.67 -14.31
C ASN A 382 9.99 -31.81 -12.93
N VAL A 383 9.80 -30.68 -12.26
CA VAL A 383 9.19 -30.67 -10.94
C VAL A 383 7.67 -30.75 -11.04
N GLN A 384 7.11 -30.08 -12.04
CA GLN A 384 5.67 -30.11 -12.27
C GLN A 384 5.22 -31.51 -12.67
N SER A 385 5.83 -32.04 -13.74
CA SER A 385 5.51 -33.37 -14.23
C SER A 385 5.70 -34.42 -13.15
N GLY A 386 6.61 -34.14 -12.22
CA GLY A 386 6.85 -35.05 -11.11
C GLY A 386 5.64 -35.14 -10.21
N MET A 387 5.31 -34.03 -9.56
CA MET A 387 4.20 -33.99 -8.60
C MET A 387 2.87 -34.26 -9.29
N GLU A 388 2.73 -33.82 -10.53
CA GLU A 388 1.50 -34.05 -11.29
C GLU A 388 1.21 -35.54 -11.41
N LYS A 389 2.25 -36.34 -11.24
CA LYS A 389 2.12 -37.80 -11.29
C LYS A 389 2.11 -38.40 -9.88
N ILE A 390 2.77 -37.71 -8.95
CA ILE A 390 2.78 -38.13 -7.55
C ILE A 390 1.41 -37.96 -6.93
N CYS A 391 0.72 -36.89 -7.34
CA CYS A 391 -0.59 -36.58 -6.81
C CYS A 391 -1.69 -37.41 -7.47
N SER A 392 -1.39 -37.89 -8.68
CA SER A 392 -2.37 -38.70 -9.42
C SER A 392 -2.35 -40.14 -8.92
N LYS A 393 -1.61 -40.39 -7.84
CA LYS A 393 -1.50 -41.73 -7.27
C LYS A 393 -2.87 -42.22 -6.80
N SER A 394 -3.06 -43.54 -6.85
CA SER A 394 -4.34 -44.14 -6.46
C SER A 394 -4.66 -43.88 -4.99
N LEU A 395 -3.66 -43.48 -4.23
CA LEU A 395 -3.83 -43.19 -2.81
C LEU A 395 -3.70 -41.71 -2.52
N ALA A 396 -2.70 -41.07 -3.13
CA ALA A 396 -2.46 -39.65 -2.94
C ALA A 396 -3.63 -38.81 -3.45
N LYS A 397 -4.17 -39.20 -4.60
CA LYS A 397 -5.27 -38.47 -5.22
C LYS A 397 -6.53 -38.53 -4.37
N ARG A 398 -6.61 -39.56 -3.51
CA ARG A 398 -7.76 -39.75 -2.64
C ARG A 398 -7.65 -38.89 -1.38
N ARG A 399 -6.44 -38.43 -1.10
CA ARG A 399 -6.20 -37.58 0.07
C ARG A 399 -6.30 -36.11 -0.29
N LEU A 400 -6.27 -35.81 -1.59
CA LEU A 400 -6.32 -34.43 -2.06
C LEU A 400 -7.76 -33.92 -2.12
N SER A 401 -8.64 -34.70 -2.73
CA SER A 401 -10.05 -34.32 -2.87
C SER A 401 -10.75 -34.28 -1.51
N GLU A 402 -10.21 -35.02 -0.55
CA GLU A 402 -10.79 -35.08 0.79
C GLU A 402 -10.55 -33.78 1.56
N SER A 403 -9.31 -33.30 1.54
CA SER A 403 -8.94 -32.08 2.26
C SER A 403 -9.58 -30.84 1.65
N ALA A 404 -9.94 -30.92 0.37
CA ALA A 404 -10.57 -29.81 -0.32
C ALA A 404 -11.96 -29.52 0.25
N ALA A 418 -24.04 -17.97 -1.26
CA ALA A 418 -24.28 -18.48 0.08
C ALA A 418 -25.34 -17.65 0.80
N ILE A 419 -26.17 -18.36 1.56
CA ILE A 419 -26.01 -19.80 1.65
C ILE A 419 -27.18 -20.61 1.07
N LYS A 420 -26.87 -21.52 0.15
CA LYS A 420 -27.86 -22.43 -0.43
C LYS A 420 -27.92 -23.83 0.22
N LYS A 421 -26.78 -24.29 0.74
CA LYS A 421 -26.64 -25.57 1.42
C LYS A 421 -27.38 -25.75 2.77
N MET A 422 -27.30 -24.74 3.63
CA MET A 422 -27.91 -24.79 4.96
C MET A 422 -29.42 -24.95 4.88
N ASN A 423 -30.04 -24.24 3.93
CA ASN A 423 -31.49 -24.27 3.78
C ASN A 423 -31.98 -25.68 3.46
N GLU A 424 -31.24 -26.37 2.60
CA GLU A 424 -31.56 -27.75 2.24
C GLU A 424 -31.41 -28.73 3.42
N ILE A 425 -30.34 -28.55 4.19
CA ILE A 425 -30.08 -29.37 5.37
C ILE A 425 -31.09 -29.13 6.49
N GLN A 426 -31.42 -27.86 6.72
CA GLN A 426 -32.44 -27.51 7.70
C GLN A 426 -33.79 -28.03 7.22
N LYS A 427 -34.01 -27.95 5.92
CA LYS A 427 -35.24 -28.45 5.32
C LYS A 427 -35.33 -29.96 5.41
N ASN A 428 -34.17 -30.61 5.31
CA ASN A 428 -34.10 -32.07 5.40
C ASN A 428 -34.46 -32.57 6.80
N ILE A 429 -34.48 -31.66 7.76
CA ILE A 429 -34.83 -31.99 9.13
C ILE A 429 -36.34 -31.89 9.33
N ASP A 430 -36.91 -32.86 10.03
CA ASP A 430 -38.34 -32.88 10.28
C ASP A 430 -38.65 -32.47 11.72
N GLY A 431 -39.50 -31.46 11.86
CA GLY A 431 -39.91 -30.99 13.17
C GLY A 431 -38.79 -30.38 13.99
N TRP A 432 -37.79 -29.81 13.30
CA TRP A 432 -36.68 -29.15 13.96
C TRP A 432 -37.19 -28.05 14.89
N GLU A 433 -36.77 -28.11 16.15
CA GLU A 433 -37.21 -27.16 17.18
C GLU A 433 -36.23 -26.01 17.48
N GLY A 434 -35.06 -26.04 16.86
CA GLY A 434 -34.07 -25.00 17.07
C GLY A 434 -34.23 -23.84 16.10
N LYS A 435 -33.59 -22.71 16.45
CA LYS A 435 -33.61 -21.50 15.64
C LYS A 435 -32.87 -21.73 14.31
N ASP A 436 -33.26 -20.99 13.27
CA ASP A 436 -32.76 -21.27 11.93
C ASP A 436 -31.25 -21.46 12.02
N ILE A 437 -30.75 -22.47 11.32
CA ILE A 437 -29.37 -22.90 11.51
C ILE A 437 -28.47 -21.69 11.36
N GLY A 438 -28.85 -20.80 10.47
CA GLY A 438 -28.02 -19.64 10.17
C GLY A 438 -27.94 -18.65 11.32
N GLN A 439 -28.67 -18.94 12.39
CA GLN A 439 -28.58 -18.12 13.60
C GLN A 439 -27.19 -18.20 14.25
N CYS A 440 -26.68 -19.42 14.37
CA CYS A 440 -25.36 -19.66 14.96
C CYS A 440 -24.34 -20.35 14.04
N CYS A 441 -24.73 -20.67 12.81
CA CYS A 441 -23.83 -21.39 11.90
C CYS A 441 -23.68 -20.73 10.53
N ASN A 442 -22.44 -20.56 10.10
CA ASN A 442 -22.16 -19.99 8.78
C ASN A 442 -21.75 -21.01 7.71
N GLU A 443 -21.36 -22.21 8.13
CA GLU A 443 -20.90 -23.23 7.18
C GLU A 443 -21.00 -24.66 7.69
N PHE A 444 -20.93 -25.62 6.78
CA PHE A 444 -20.94 -27.02 7.16
C PHE A 444 -19.60 -27.67 6.81
N ILE A 445 -18.96 -28.26 7.83
CA ILE A 445 -17.70 -29.01 7.69
C ILE A 445 -17.67 -30.37 6.94
N MET A 446 -18.67 -31.23 7.17
CA MET A 446 -18.69 -32.58 6.61
C MET A 446 -20.07 -33.24 6.69
N GLU A 447 -20.26 -34.33 5.94
CA GLU A 447 -21.55 -35.01 5.97
C GLU A 447 -21.33 -36.52 5.90
N GLY A 448 -21.60 -37.22 7.00
CA GLY A 448 -21.40 -38.66 7.06
C GLY A 448 -22.41 -39.39 7.91
N THR A 449 -22.11 -40.64 8.23
CA THR A 449 -23.00 -41.47 9.01
C THR A 449 -22.30 -41.91 10.30
N LEU A 450 -23.06 -42.03 11.38
CA LEU A 450 -22.50 -42.48 12.65
C LEU A 450 -23.54 -43.26 13.44
N THR A 451 -23.08 -44.10 14.36
CA THR A 451 -23.97 -44.88 15.21
C THR A 451 -23.88 -44.41 16.66
N ARG A 452 -24.97 -43.87 17.17
CA ARG A 452 -25.01 -43.42 18.56
C ARG A 452 -25.16 -44.60 19.50
N VAL A 453 -24.20 -44.79 20.40
CA VAL A 453 -24.27 -45.91 21.33
C VAL A 453 -25.55 -45.75 22.13
N GLY A 454 -26.26 -46.85 22.32
CA GLY A 454 -27.56 -46.80 22.99
C GLY A 454 -28.61 -46.29 22.03
N ALA A 455 -28.27 -46.26 20.75
CA ALA A 455 -29.16 -45.77 19.70
C ALA A 455 -29.59 -46.89 18.77
N LYS A 456 -30.90 -47.00 18.55
CA LYS A 456 -31.48 -48.05 17.71
C LYS A 456 -31.05 -48.02 16.24
N HIS A 457 -30.96 -46.83 15.66
CA HIS A 457 -30.63 -46.71 14.24
C HIS A 457 -29.48 -45.74 13.95
N GLU A 458 -28.73 -46.03 12.89
CA GLU A 458 -27.61 -45.21 12.48
C GLU A 458 -28.10 -43.81 12.11
N ARG A 459 -27.43 -42.78 12.59
CA ARG A 459 -27.90 -41.43 12.30
C ARG A 459 -27.03 -40.70 11.31
N HIS A 460 -27.64 -40.29 10.19
CA HIS A 460 -26.91 -39.49 9.22
C HIS A 460 -26.60 -38.20 9.92
N ILE A 461 -25.39 -37.69 9.76
CA ILE A 461 -25.02 -36.47 10.47
C ILE A 461 -24.58 -35.35 9.53
N PHE A 462 -25.20 -34.19 9.72
CA PHE A 462 -24.79 -33.00 9.01
C PHE A 462 -23.82 -32.19 9.87
N LEU A 463 -22.65 -31.88 9.32
CA LEU A 463 -21.63 -31.17 10.07
C LEU A 463 -21.62 -29.69 9.74
N PHE A 464 -21.72 -28.88 10.79
CA PHE A 464 -21.72 -27.42 10.64
C PHE A 464 -20.83 -26.76 11.69
N ASP A 465 -20.36 -25.55 11.41
CA ASP A 465 -19.44 -24.87 12.29
C ASP A 465 -20.25 -24.37 13.46
N GLY A 466 -19.89 -24.86 14.65
CA GLY A 466 -20.58 -24.50 15.88
C GLY A 466 -21.88 -25.26 16.12
N LEU A 467 -22.13 -26.26 15.28
CA LEU A 467 -23.36 -27.06 15.40
C LEU A 467 -23.14 -28.51 14.99
N MET A 468 -23.89 -29.41 15.61
CA MET A 468 -23.87 -30.84 15.29
C MET A 468 -25.29 -31.33 14.97
N ILE A 469 -25.43 -32.06 13.87
CA ILE A 469 -26.75 -32.55 13.46
C ILE A 469 -26.85 -34.07 13.37
N CYS A 470 -27.89 -34.63 13.99
CA CYS A 470 -28.14 -36.07 13.95
C CYS A 470 -29.54 -36.38 13.41
N CYS A 471 -29.63 -37.31 12.47
CA CYS A 471 -30.91 -37.69 11.88
C CYS A 471 -31.08 -39.20 11.69
N LYS A 472 -32.33 -39.66 11.69
CA LYS A 472 -32.63 -41.06 11.48
C LYS A 472 -33.15 -41.21 10.07
N SER A 473 -32.48 -42.05 9.29
CA SER A 473 -32.86 -42.21 7.90
C SER A 473 -34.18 -42.96 7.75
N ASN A 474 -35.03 -42.42 6.90
CA ASN A 474 -36.29 -43.07 6.52
C ASN A 474 -36.39 -43.22 5.01
N HIS A 475 -35.24 -43.30 4.36
CA HIS A 475 -35.17 -43.39 2.90
C HIS A 475 -35.88 -44.64 2.37
N GLY A 476 -36.87 -44.43 1.52
CA GLY A 476 -37.58 -45.53 0.88
C GLY A 476 -38.79 -46.01 1.66
N GLN A 477 -38.82 -45.68 2.95
CA GLN A 477 -39.91 -46.11 3.82
C GLN A 477 -41.21 -45.39 3.48
N PRO A 478 -42.34 -46.09 3.59
CA PRO A 478 -43.67 -45.58 3.27
C PRO A 478 -44.11 -44.42 4.18
N ARG A 479 -44.77 -43.43 3.59
CA ARG A 479 -45.34 -42.33 4.36
C ARG A 479 -46.81 -42.13 4.03
N LEU A 480 -47.55 -41.55 4.96
CA LEU A 480 -48.95 -41.23 4.72
C LEU A 480 -49.06 -40.01 3.81
N PRO A 481 -50.10 -39.97 2.97
CA PRO A 481 -50.34 -38.84 2.08
C PRO A 481 -50.42 -37.53 2.84
N GLY A 482 -49.68 -36.52 2.39
CA GLY A 482 -49.68 -35.22 3.03
C GLY A 482 -48.61 -35.08 4.09
N ALA A 483 -47.99 -36.20 4.45
CA ALA A 483 -46.94 -36.20 5.46
C ALA A 483 -45.56 -35.95 4.83
N SER A 484 -44.64 -35.43 5.63
CA SER A 484 -43.32 -35.05 5.15
C SER A 484 -42.66 -36.15 4.31
N ASN A 485 -41.93 -35.72 3.28
CA ASN A 485 -41.19 -36.65 2.42
C ASN A 485 -39.70 -36.59 2.65
N ALA A 486 -39.27 -35.77 3.61
CA ALA A 486 -37.86 -35.64 3.93
C ALA A 486 -37.23 -37.00 4.20
N GLU A 487 -36.00 -37.18 3.75
CA GLU A 487 -35.30 -38.46 3.91
C GLU A 487 -34.97 -38.74 5.38
N TYR A 488 -34.80 -37.67 6.16
CA TYR A 488 -34.29 -37.82 7.52
C TYR A 488 -35.22 -37.30 8.61
N ARG A 489 -34.80 -37.49 9.85
CA ARG A 489 -35.62 -37.14 11.01
C ARG A 489 -34.73 -36.93 12.22
N LEU A 490 -34.64 -35.70 12.72
CA LEU A 490 -33.73 -35.43 13.83
C LEU A 490 -34.39 -35.07 15.17
N LYS A 491 -34.13 -35.89 16.18
CA LYS A 491 -34.65 -35.70 17.53
C LYS A 491 -34.13 -34.48 18.33
N GLU A 492 -32.82 -34.26 18.29
CA GLU A 492 -32.17 -33.21 19.10
C GLU A 492 -30.87 -32.62 18.54
N LYS A 493 -30.43 -31.51 19.12
CA LYS A 493 -29.21 -30.80 18.69
C LYS A 493 -28.29 -30.39 19.85
N PHE A 494 -27.02 -30.14 19.55
CA PHE A 494 -26.03 -29.77 20.57
C PHE A 494 -25.28 -28.47 20.26
N PHE A 495 -24.83 -27.78 21.31
CA PHE A 495 -24.11 -26.51 21.18
C PHE A 495 -22.76 -26.62 20.45
N MET A 496 -22.01 -27.68 20.74
CA MET A 496 -20.70 -27.88 20.11
C MET A 496 -19.60 -26.98 20.67
N ARG A 497 -19.85 -26.38 21.83
CA ARG A 497 -18.86 -25.50 22.47
C ARG A 497 -18.34 -26.10 23.77
N LYS A 498 -17.03 -26.12 23.95
CA LYS A 498 -16.44 -26.72 25.14
C LYS A 498 -16.65 -28.23 25.30
N VAL A 499 -16.57 -28.98 24.20
CA VAL A 499 -16.71 -30.43 24.23
C VAL A 499 -15.38 -31.15 23.96
N GLN A 500 -15.06 -32.14 24.81
CA GLN A 500 -13.80 -32.88 24.70
C GLN A 500 -14.03 -34.38 24.47
N ILE A 501 -13.24 -34.96 23.57
CA ILE A 501 -13.39 -36.38 23.20
C ILE A 501 -12.17 -37.29 23.47
N ASN A 502 -12.43 -38.44 24.06
CA ASN A 502 -11.43 -39.48 24.34
C ASN A 502 -11.99 -40.84 23.91
N ASP A 503 -11.19 -41.61 23.17
CA ASP A 503 -11.66 -42.91 22.69
C ASP A 503 -10.66 -44.07 22.81
N LYS A 504 -11.20 -45.28 22.93
CA LYS A 504 -10.43 -46.50 23.01
C LYS A 504 -11.20 -47.60 22.27
N ASP A 505 -10.51 -48.34 21.39
CA ASP A 505 -11.18 -49.36 20.61
C ASP A 505 -11.26 -50.52 21.58
N ASP A 506 -12.14 -50.35 22.54
CA ASP A 506 -12.30 -51.28 23.65
C ASP A 506 -12.67 -52.68 23.18
N THR A 507 -12.57 -53.64 24.10
CA THR A 507 -12.96 -55.03 23.90
C THR A 507 -14.46 -55.08 23.66
N ASN A 508 -15.17 -54.20 24.36
CA ASN A 508 -16.62 -54.10 24.26
C ASN A 508 -16.97 -53.52 22.91
N GLU A 509 -18.26 -53.48 22.58
CA GLU A 509 -18.66 -53.08 21.25
C GLU A 509 -18.64 -51.57 21.10
N TYR A 510 -17.45 -51.02 21.30
CA TYR A 510 -17.18 -49.62 21.04
C TYR A 510 -15.96 -49.62 20.13
N LYS A 511 -16.08 -48.98 18.97
CA LYS A 511 -14.97 -48.94 18.03
C LYS A 511 -14.91 -47.60 17.34
N HIS A 512 -13.72 -47.20 16.89
CA HIS A 512 -13.60 -45.94 16.19
C HIS A 512 -14.62 -44.92 16.69
N ALA A 513 -14.61 -44.66 17.99
CA ALA A 513 -15.58 -43.76 18.60
C ALA A 513 -14.91 -42.61 19.34
N PHE A 514 -15.70 -41.59 19.64
CA PHE A 514 -15.24 -40.41 20.36
C PHE A 514 -16.19 -40.09 21.52
N GLU A 515 -15.68 -39.41 22.53
CA GLU A 515 -16.49 -39.08 23.70
C GLU A 515 -16.87 -37.60 23.76
N ILE A 516 -18.16 -37.34 23.93
CA ILE A 516 -18.68 -35.98 23.99
C ILE A 516 -19.36 -35.69 25.34
N ILE A 517 -19.03 -34.56 25.94
CA ILE A 517 -19.65 -34.23 27.22
C ILE A 517 -20.69 -33.15 27.02
N LEU A 518 -21.94 -33.51 27.21
CA LEU A 518 -23.04 -32.55 27.13
C LEU A 518 -22.97 -31.72 28.39
N LYS A 519 -23.25 -30.43 28.28
CA LYS A 519 -23.23 -29.59 29.47
C LYS A 519 -24.33 -30.11 30.38
N ASP A 520 -24.02 -30.24 31.67
CA ASP A 520 -25.02 -30.72 32.62
C ASP A 520 -25.66 -31.98 32.04
N GLU A 521 -24.86 -32.79 31.37
CA GLU A 521 -25.37 -34.01 30.76
C GLU A 521 -24.31 -35.11 30.62
N ASN A 522 -24.78 -36.35 30.52
CA ASN A 522 -23.91 -37.49 30.30
C ASN A 522 -23.32 -37.44 28.90
N SER A 523 -22.06 -37.85 28.77
CA SER A 523 -21.38 -37.86 27.48
C SER A 523 -21.91 -38.96 26.57
N VAL A 524 -21.99 -38.64 25.28
CA VAL A 524 -22.47 -39.61 24.30
C VAL A 524 -21.33 -40.06 23.39
N ILE A 525 -21.16 -41.38 23.31
CA ILE A 525 -20.13 -41.98 22.49
C ILE A 525 -20.64 -42.17 21.07
N PHE A 526 -19.93 -41.56 20.13
CA PHE A 526 -20.26 -41.69 18.71
C PHE A 526 -19.27 -42.59 17.98
N SER A 527 -19.76 -43.73 17.51
CA SER A 527 -18.91 -44.70 16.83
C SER A 527 -18.98 -44.54 15.31
N ALA A 528 -17.93 -45.02 14.64
CA ALA A 528 -17.88 -44.97 13.18
C ALA A 528 -17.64 -46.37 12.62
N LYS A 529 -17.85 -46.54 11.32
CA LYS A 529 -17.68 -47.83 10.67
C LYS A 529 -16.22 -48.26 10.66
N SER A 530 -15.36 -47.42 10.10
CA SER A 530 -13.94 -47.73 10.00
C SER A 530 -13.07 -46.56 10.47
N ALA A 531 -11.77 -46.82 10.62
CA ALA A 531 -10.84 -45.80 11.05
C ALA A 531 -10.72 -44.70 10.00
N GLU A 532 -11.06 -45.04 8.75
CA GLU A 532 -11.02 -44.08 7.66
C GLU A 532 -11.93 -42.89 7.94
N GLU A 533 -13.16 -43.19 8.36
CA GLU A 533 -14.12 -42.14 8.68
C GLU A 533 -13.89 -41.60 10.09
N LYS A 534 -13.28 -42.41 10.95
CA LYS A 534 -12.94 -41.98 12.29
C LYS A 534 -12.03 -40.77 12.24
N ASN A 535 -10.98 -40.86 11.43
CA ASN A 535 -10.04 -39.75 11.25
C ASN A 535 -10.71 -38.56 10.57
N ASN A 536 -11.68 -38.84 9.71
CA ASN A 536 -12.43 -37.79 9.04
C ASN A 536 -13.17 -36.90 10.04
N TRP A 537 -13.96 -37.53 10.90
CA TRP A 537 -14.69 -36.81 11.93
C TRP A 537 -13.73 -36.11 12.89
N MET A 538 -12.80 -36.88 13.45
CA MET A 538 -11.81 -36.35 14.38
C MET A 538 -11.08 -35.14 13.80
N ALA A 539 -10.93 -35.13 12.48
CA ALA A 539 -10.27 -34.02 11.80
C ALA A 539 -11.06 -32.72 11.98
N ALA A 540 -12.22 -32.64 11.34
CA ALA A 540 -13.05 -31.45 11.38
C ALA A 540 -13.42 -31.06 12.82
N LEU A 541 -13.75 -32.05 13.64
CA LEU A 541 -14.15 -31.80 15.02
C LEU A 541 -13.04 -31.14 15.82
N ILE A 542 -11.91 -31.84 15.95
CA ILE A 542 -10.78 -31.32 16.72
C ILE A 542 -10.31 -29.97 16.19
N SER A 543 -10.46 -29.76 14.88
CA SER A 543 -10.01 -28.53 14.25
C SER A 543 -10.72 -27.28 14.76
N LEU A 544 -12.02 -27.39 15.00
CA LEU A 544 -12.82 -26.23 15.40
C LEU A 544 -12.43 -25.67 16.76
N GLN A 545 -12.47 -26.51 17.78
CA GLN A 545 -12.22 -26.08 19.15
C GLN A 545 -10.72 -25.95 19.48
N TYR A 546 -9.87 -26.44 18.57
CA TYR A 546 -8.45 -26.47 18.82
C TYR A 546 -7.68 -25.46 17.97
N ARG A 547 -8.29 -25.00 16.89
CA ARG A 547 -7.64 -24.03 16.01
C ARG A 547 -7.26 -22.77 16.76
N SER A 548 -8.13 -22.35 17.67
CA SER A 548 -7.94 -21.13 18.45
C SER A 548 -6.68 -21.21 19.30
N THR A 549 -6.55 -22.30 20.04
CA THR A 549 -5.38 -22.51 20.90
C THR A 549 -4.08 -22.37 20.11
N LEU A 550 -4.08 -22.90 18.90
CA LEU A 550 -2.91 -22.81 18.03
C LEU A 550 -2.56 -21.35 17.73
N GLU A 551 -3.46 -20.66 17.05
CA GLU A 551 -3.24 -19.29 16.65
C GLU A 551 -2.78 -18.43 17.82
N ARG A 552 -3.19 -18.80 19.03
CA ARG A 552 -2.81 -18.06 20.23
C ARG A 552 -1.40 -18.40 20.66
N MET A 553 -1.09 -19.69 20.70
CA MET A 553 0.24 -20.16 21.08
C MET A 553 1.29 -19.73 20.07
N LEU A 554 0.87 -19.56 18.82
CA LEU A 554 1.76 -19.12 17.76
C LEU A 554 2.17 -17.67 17.95
N ASP A 555 1.19 -16.81 18.20
CA ASP A 555 1.44 -15.39 18.40
C ASP A 555 2.35 -15.16 19.60
N VAL A 556 2.18 -16.01 20.62
CA VAL A 556 2.99 -15.92 21.83
C VAL A 556 4.45 -16.25 21.54
N THR A 557 4.66 -17.31 20.76
CA THR A 557 6.00 -17.73 20.38
C THR A 557 6.67 -16.68 19.51
N MET A 558 6.00 -16.31 18.42
CA MET A 558 6.52 -15.32 17.50
C MET A 558 6.95 -14.04 18.21
N LEU A 559 6.06 -13.54 19.08
CA LEU A 559 6.35 -12.32 19.82
C LEU A 559 7.55 -12.52 20.73
N GLN A 560 7.65 -13.70 21.32
CA GLN A 560 8.75 -14.03 22.23
C GLN A 560 10.09 -14.01 21.52
N GLU A 561 10.12 -14.54 20.31
CA GLU A 561 11.35 -14.61 19.53
C GLU A 561 11.92 -13.22 19.24
N GLU A 562 11.04 -12.28 18.94
CA GLU A 562 11.44 -10.92 18.62
C GLU A 562 12.08 -10.25 19.83
N LYS A 563 11.66 -10.67 21.02
CA LYS A 563 12.20 -10.11 22.26
C LYS A 563 13.58 -10.66 22.57
N GLU A 564 13.76 -11.97 22.37
CA GLU A 564 15.03 -12.61 22.65
C GLU A 564 16.14 -12.12 21.74
N GLU A 565 15.78 -11.80 20.50
CA GLU A 565 16.76 -11.32 19.52
C GLU A 565 17.14 -9.87 19.79
N GLN A 566 18.19 -9.68 20.59
CA GLN A 566 18.68 -8.34 20.90
C GLN A 566 19.48 -7.77 19.74
N MET A 567 18.97 -6.71 19.13
CA MET A 567 19.66 -6.08 18.01
C MET A 567 20.09 -4.65 18.34
N ARG A 568 21.39 -4.41 18.23
CA ARG A 568 21.96 -3.10 18.55
C ARG A 568 21.93 -2.19 17.33
N LEU A 569 21.51 -0.95 17.53
CA LEU A 569 21.54 0.04 16.47
C LEU A 569 22.98 0.29 16.05
N PRO A 570 23.22 0.45 14.74
CA PRO A 570 24.56 0.69 14.22
C PRO A 570 25.27 1.81 14.98
N SER A 571 26.59 1.71 15.11
CA SER A 571 27.37 2.70 15.84
C SER A 571 27.14 4.11 15.31
N ALA A 572 26.60 4.99 16.16
CA ALA A 572 26.31 6.36 15.78
C ALA A 572 27.58 7.14 15.41
N ASP A 573 28.73 6.51 15.64
CA ASP A 573 30.00 7.15 15.32
C ASP A 573 30.42 6.86 13.89
N VAL A 574 30.17 5.62 13.44
CA VAL A 574 30.56 5.21 12.10
C VAL A 574 29.38 5.30 11.13
N TYR A 575 28.21 5.66 11.66
CA TYR A 575 27.00 5.74 10.86
C TYR A 575 26.08 6.85 11.37
N ARG A 576 26.11 7.99 10.69
CA ARG A 576 25.39 9.17 11.14
C ARG A 576 23.88 8.95 11.19
N PHE A 577 23.36 8.17 10.26
CA PHE A 577 21.92 7.94 10.14
C PHE A 577 21.37 7.06 11.26
N ALA A 578 22.24 6.67 12.20
CA ALA A 578 21.85 5.78 13.28
C ALA A 578 21.40 6.53 14.52
N GLU A 579 21.77 7.80 14.60
CA GLU A 579 21.42 8.63 15.75
C GLU A 579 19.91 8.64 16.00
N PRO A 580 19.51 8.43 17.26
CA PRO A 580 18.10 8.39 17.67
C PRO A 580 17.33 9.66 17.29
N ASP A 581 16.01 9.58 17.34
CA ASP A 581 15.16 10.72 16.96
C ASP A 581 14.70 11.50 18.18
N SER A 582 14.66 12.82 18.04
CA SER A 582 14.22 13.69 19.12
C SER A 582 13.49 14.92 18.59
N GLU A 583 13.40 15.96 19.41
CA GLU A 583 12.73 17.19 19.00
C GLU A 583 13.74 18.27 18.62
N GLU A 584 14.93 17.83 18.20
CA GLU A 584 15.97 18.77 17.81
C GLU A 584 16.70 18.30 16.55
N ASN A 585 16.26 17.18 16.00
CA ASN A 585 16.87 16.64 14.78
C ASN A 585 15.83 16.19 13.76
N ILE A 586 14.58 16.11 14.18
CA ILE A 586 13.48 15.72 13.30
C ILE A 586 12.13 16.12 13.92
N ILE A 587 11.17 16.45 13.06
CA ILE A 587 9.86 16.86 13.53
C ILE A 587 8.75 16.16 12.76
N PHE A 588 7.62 15.95 13.42
CA PHE A 588 6.44 15.39 12.77
C PHE A 588 5.23 16.26 13.05
N GLU A 589 4.19 16.10 12.25
CA GLU A 589 2.95 16.85 12.46
C GLU A 589 1.82 15.94 12.93
N GLU A 590 1.14 16.39 13.97
CA GLU A 590 0.00 15.66 14.51
C GLU A 590 -1.26 15.84 13.66
N ASN A 591 -1.45 17.05 13.13
CA ASN A 591 -2.65 17.39 12.35
C ASN A 591 -2.90 16.50 11.13
N MET A 592 -1.89 16.46 10.24
CA MET A 592 -1.87 15.71 8.98
C MET A 592 -2.40 14.29 9.12
N GLN A 593 -2.05 13.67 10.24
CA GLN A 593 -2.39 12.28 10.48
C GLN A 593 -2.90 12.05 11.90
N PRO A 594 -4.15 11.61 12.01
CA PRO A 594 -4.82 11.33 13.28
C PRO A 594 -4.41 9.99 13.89
N LYS A 595 -4.20 8.99 13.05
CA LYS A 595 -3.89 7.64 13.52
C LYS A 595 -2.64 7.51 14.41
N ALA A 596 -1.50 8.08 14.01
CA ALA A 596 -1.31 8.87 12.80
C ALA A 596 -1.15 8.02 11.55
N GLY A 597 -0.80 6.75 11.72
CA GLY A 597 -0.57 5.86 10.59
C GLY A 597 0.72 6.19 9.87
N ILE A 598 0.62 6.46 8.57
CA ILE A 598 1.81 6.79 7.79
C ILE A 598 2.46 8.08 8.30
N PRO A 599 3.70 7.96 8.77
CA PRO A 599 4.45 9.07 9.36
C PRO A 599 4.79 10.13 8.31
N ILE A 600 4.79 11.41 8.69
CA ILE A 600 5.23 12.49 7.81
C ILE A 600 6.04 13.52 8.60
N ILE A 601 7.04 14.09 7.95
CA ILE A 601 7.99 14.97 8.63
C ILE A 601 7.76 16.45 8.31
N LYS A 602 7.76 17.29 9.33
CA LYS A 602 7.61 18.75 9.14
C LYS A 602 8.96 19.33 8.78
N ALA A 603 9.98 18.93 9.53
CA ALA A 603 11.34 19.42 9.32
C ALA A 603 12.37 18.45 9.91
N GLY A 604 13.64 18.77 9.72
CA GLY A 604 14.73 17.94 10.22
C GLY A 604 15.98 18.07 9.37
N THR A 605 17.12 17.71 9.94
CA THR A 605 18.39 17.82 9.24
C THR A 605 18.42 16.94 7.99
N VAL A 606 19.34 17.22 7.08
CA VAL A 606 19.47 16.44 5.85
C VAL A 606 19.65 14.96 6.17
N ILE A 607 20.39 14.69 7.24
CA ILE A 607 20.67 13.32 7.64
C ILE A 607 19.38 12.55 7.93
N LYS A 608 18.55 13.09 8.82
CA LYS A 608 17.29 12.45 9.17
C LYS A 608 16.35 12.36 7.97
N LEU A 609 16.35 13.40 7.15
CA LEU A 609 15.51 13.43 5.95
C LEU A 609 15.80 12.24 5.04
N ILE A 610 17.09 11.95 4.86
CA ILE A 610 17.51 10.84 4.02
C ILE A 610 17.21 9.52 4.72
N GLU A 611 17.26 9.54 6.05
CA GLU A 611 16.94 8.37 6.84
C GLU A 611 15.50 7.95 6.60
N ARG A 612 14.60 8.92 6.61
CA ARG A 612 13.18 8.68 6.33
C ARG A 612 12.96 8.45 4.83
N LEU A 613 13.93 8.87 4.02
CA LEU A 613 13.86 8.66 2.58
C LEU A 613 14.12 7.20 2.29
N THR A 614 14.86 6.55 3.19
CA THR A 614 15.17 5.14 3.05
C THR A 614 14.97 4.43 4.37
N TYR A 615 13.85 4.72 5.02
CA TYR A 615 13.54 4.14 6.32
C TYR A 615 13.31 2.63 6.20
N HIS A 616 14.14 1.86 6.87
CA HIS A 616 14.09 0.41 6.80
C HIS A 616 12.69 -0.17 7.03
N MET A 617 12.00 0.33 8.06
CA MET A 617 10.68 -0.20 8.42
C MET A 617 9.66 -0.13 7.27
N TYR A 618 9.38 1.08 6.80
CA TYR A 618 8.38 1.28 5.77
C TYR A 618 8.92 2.11 4.61
N ALA A 619 8.24 2.03 3.47
CA ALA A 619 8.63 2.80 2.29
C ALA A 619 7.56 3.84 1.96
N ASP A 620 7.98 5.08 1.71
CA ASP A 620 7.04 6.14 1.37
C ASP A 620 7.25 6.63 -0.06
N PRO A 621 6.26 6.39 -0.93
CA PRO A 621 6.32 6.84 -2.33
C PRO A 621 6.21 8.36 -2.41
N ASN A 622 5.19 8.92 -1.75
CA ASN A 622 4.96 10.35 -1.78
C ASN A 622 6.19 11.16 -1.39
N PHE A 623 6.81 10.77 -0.29
CA PHE A 623 7.97 11.49 0.22
C PHE A 623 9.14 11.46 -0.75
N VAL A 624 9.38 10.31 -1.39
CA VAL A 624 10.47 10.18 -2.35
C VAL A 624 10.27 11.09 -3.56
N ARG A 625 9.01 11.21 -3.99
CA ARG A 625 8.67 12.08 -5.11
C ARG A 625 8.94 13.54 -4.73
N THR A 626 8.25 14.00 -3.69
CA THR A 626 8.39 15.38 -3.22
C THR A 626 9.85 15.76 -2.98
N PHE A 627 10.56 14.91 -2.24
CA PHE A 627 11.95 15.16 -1.90
C PHE A 627 12.80 15.38 -3.14
N LEU A 628 12.59 14.55 -4.15
CA LEU A 628 13.40 14.63 -5.37
C LEU A 628 13.07 15.87 -6.19
N THR A 629 11.93 16.49 -5.90
CA THR A 629 11.51 17.67 -6.63
C THR A 629 11.96 18.96 -5.94
N THR A 630 12.10 18.89 -4.61
CA THR A 630 12.42 20.09 -3.84
C THR A 630 13.60 19.87 -2.88
N TYR A 631 14.63 19.20 -3.35
CA TYR A 631 15.81 18.97 -2.52
C TYR A 631 16.93 19.93 -2.84
N ARG A 632 16.87 20.53 -4.03
CA ARG A 632 17.93 21.41 -4.49
C ARG A 632 17.83 22.78 -3.83
N SER A 633 16.81 22.96 -3.00
CA SER A 633 16.62 24.23 -2.30
C SER A 633 17.46 24.31 -1.03
N PHE A 634 17.85 23.16 -0.49
CA PHE A 634 18.64 23.11 0.72
C PHE A 634 19.76 22.08 0.63
N CYS A 635 19.85 21.41 -0.51
CA CYS A 635 20.87 20.38 -0.72
C CYS A 635 21.30 20.35 -2.18
N LYS A 636 22.58 20.10 -2.41
CA LYS A 636 23.12 20.08 -3.77
C LYS A 636 23.18 18.66 -4.34
N PRO A 637 23.10 18.54 -5.67
CA PRO A 637 23.12 17.24 -6.35
C PRO A 637 24.33 16.40 -5.95
N GLN A 638 25.53 16.99 -6.06
CA GLN A 638 26.74 16.30 -5.67
C GLN A 638 26.68 15.87 -4.22
N GLU A 639 26.08 16.72 -3.39
CA GLU A 639 25.94 16.43 -1.96
C GLU A 639 25.05 15.23 -1.72
N LEU A 640 23.88 15.22 -2.37
CA LEU A 640 22.91 14.15 -2.20
C LEU A 640 23.47 12.79 -2.58
N LEU A 641 24.21 12.75 -3.69
CA LEU A 641 24.81 11.51 -4.18
C LEU A 641 25.78 10.95 -3.15
N SER A 642 26.58 11.84 -2.55
CA SER A 642 27.56 11.44 -1.56
C SER A 642 26.89 10.94 -0.28
N LEU A 643 25.67 11.42 -0.03
CA LEU A 643 24.94 11.07 1.18
C LEU A 643 24.21 9.74 1.06
N ILE A 644 23.59 9.49 -0.08
CA ILE A 644 22.89 8.23 -0.30
C ILE A 644 23.87 7.07 -0.29
N ILE A 645 25.12 7.36 -0.63
CA ILE A 645 26.17 6.35 -0.57
C ILE A 645 26.46 5.98 0.88
N GLU A 646 26.65 6.99 1.72
CA GLU A 646 26.85 6.77 3.14
C GLU A 646 25.68 5.98 3.73
N ARG A 647 24.47 6.31 3.29
CA ARG A 647 23.29 5.59 3.73
C ARG A 647 23.26 4.17 3.16
N PHE A 648 23.84 4.00 1.97
CA PHE A 648 23.86 2.70 1.32
C PHE A 648 24.82 1.74 2.01
N GLU A 649 26.07 2.16 2.17
CA GLU A 649 27.10 1.32 2.77
C GLU A 649 27.12 1.45 4.29
N ILE A 650 26.80 0.35 4.97
CA ILE A 650 26.76 0.34 6.43
C ILE A 650 27.78 -0.64 7.01
N PRO A 651 28.67 -0.14 7.87
CA PRO A 651 29.66 -0.98 8.54
C PRO A 651 29.01 -2.10 9.35
N GLU A 652 29.48 -3.33 9.15
CA GLU A 652 28.94 -4.48 9.87
C GLU A 652 29.56 -4.59 11.26
N PRO A 653 28.74 -4.96 12.25
CA PRO A 653 29.21 -5.14 13.63
C PRO A 653 30.43 -6.05 13.71
N GLU A 654 31.48 -5.59 14.40
CA GLU A 654 32.71 -6.35 14.52
C GLU A 654 32.48 -7.73 15.12
N PRO A 655 32.99 -8.78 14.45
CA PRO A 655 32.87 -10.17 14.95
C PRO A 655 33.51 -10.31 16.33
N THR A 656 32.89 -11.11 17.19
CA THR A 656 33.40 -11.31 18.54
C THR A 656 34.74 -12.03 18.54
N GLU A 657 35.35 -12.14 19.71
CA GLU A 657 36.66 -12.78 19.84
C GLU A 657 36.61 -14.26 19.47
N ALA A 658 35.49 -14.91 19.78
CA ALA A 658 35.33 -16.33 19.50
C ALA A 658 35.06 -16.57 18.01
N ASP A 659 34.66 -15.54 17.30
CA ASP A 659 34.38 -15.63 15.86
C ASP A 659 35.67 -15.65 15.06
N ARG A 660 36.72 -15.05 15.62
CA ARG A 660 38.01 -14.97 14.94
C ARG A 660 38.68 -16.35 14.88
N ILE A 661 38.76 -17.02 16.03
CA ILE A 661 39.37 -18.34 16.10
C ILE A 661 38.59 -19.36 15.27
N ALA A 662 37.33 -19.04 14.98
CA ALA A 662 36.46 -19.95 14.26
C ALA A 662 36.23 -19.53 12.80
N ILE A 663 36.70 -18.35 12.44
CA ILE A 663 36.50 -17.84 11.09
C ILE A 663 37.34 -18.61 10.07
N GLU A 664 38.35 -19.32 10.55
CA GLU A 664 39.23 -20.11 9.69
C GLU A 664 39.19 -21.59 10.03
N ASN A 665 38.15 -22.00 10.76
CA ASN A 665 38.01 -23.39 11.18
C ASN A 665 36.54 -23.81 11.25
N GLY A 666 36.30 -25.09 11.46
CA GLY A 666 34.94 -25.61 11.56
C GLY A 666 34.22 -25.04 12.78
N ASP A 667 32.93 -25.32 12.88
CA ASP A 667 32.12 -24.83 13.98
C ASP A 667 32.15 -23.30 14.04
N GLN A 668 32.14 -22.67 12.87
CA GLN A 668 32.18 -21.22 12.77
C GLN A 668 30.80 -20.60 13.00
N PRO A 669 30.76 -19.49 13.73
CA PRO A 669 29.53 -18.73 14.00
C PRO A 669 28.76 -18.42 12.73
N LEU A 670 29.48 -18.10 11.65
CA LEU A 670 28.88 -17.68 10.40
C LEU A 670 28.07 -16.39 10.56
N SER A 671 28.21 -15.76 11.71
CA SER A 671 27.49 -14.52 12.01
C SER A 671 26.01 -14.66 11.70
N ALA A 672 25.44 -15.81 12.04
CA ALA A 672 24.04 -16.09 11.76
C ALA A 672 23.10 -15.15 12.51
N GLU A 673 23.40 -14.91 13.79
CA GLU A 673 22.59 -14.02 14.61
C GLU A 673 22.56 -12.61 14.04
N LEU A 674 23.66 -12.20 13.43
CA LEU A 674 23.78 -10.88 12.85
C LEU A 674 22.98 -10.77 11.55
N LYS A 675 22.95 -11.86 10.80
CA LYS A 675 22.23 -11.90 9.52
C LYS A 675 20.73 -11.69 9.71
N ARG A 676 20.20 -12.17 10.82
CA ARG A 676 18.78 -12.06 11.10
C ARG A 676 18.35 -10.59 11.18
N PHE A 677 19.33 -9.70 11.35
CA PHE A 677 19.06 -8.27 11.40
C PHE A 677 19.64 -7.58 10.17
N ARG A 678 20.88 -7.91 9.83
CA ARG A 678 21.54 -7.33 8.66
C ARG A 678 20.72 -7.52 7.41
N LYS A 679 20.30 -8.75 7.15
CA LYS A 679 19.52 -9.06 5.96
C LYS A 679 18.18 -8.34 5.94
N GLU A 680 17.59 -8.16 7.12
CA GLU A 680 16.28 -7.50 7.24
C GLU A 680 16.40 -5.98 7.33
N TYR A 681 17.63 -5.49 7.47
CA TYR A 681 17.88 -4.07 7.57
C TYR A 681 18.52 -3.54 6.30
N ILE A 682 19.59 -4.20 5.87
CA ILE A 682 20.28 -3.86 4.63
C ILE A 682 19.33 -3.81 3.44
N GLN A 683 18.53 -4.86 3.27
CA GLN A 683 17.60 -4.93 2.14
C GLN A 683 16.75 -3.67 2.02
N PRO A 684 15.91 -3.40 3.05
CA PRO A 684 15.02 -2.23 2.97
C PRO A 684 15.79 -0.94 2.76
N VAL A 685 16.85 -0.74 3.53
CA VAL A 685 17.64 0.48 3.46
C VAL A 685 18.29 0.66 2.09
N GLN A 686 19.01 -0.36 1.63
CA GLN A 686 19.72 -0.28 0.35
C GLN A 686 18.77 -0.35 -0.84
N LEU A 687 17.65 -1.02 -0.67
CA LEU A 687 16.66 -1.14 -1.73
C LEU A 687 16.09 0.24 -2.06
N ARG A 688 15.79 1.01 -1.01
CA ARG A 688 15.26 2.35 -1.19
C ARG A 688 16.31 3.31 -1.71
N VAL A 689 17.57 3.08 -1.34
CA VAL A 689 18.67 3.88 -1.86
C VAL A 689 18.79 3.73 -3.37
N LEU A 690 18.51 2.51 -3.84
CA LEU A 690 18.52 2.24 -5.28
C LEU A 690 17.20 2.70 -5.89
N ASN A 691 16.17 2.82 -5.05
CA ASN A 691 14.86 3.26 -5.50
C ASN A 691 14.87 4.75 -5.82
N VAL A 692 15.27 5.56 -4.84
CA VAL A 692 15.38 6.99 -5.04
C VAL A 692 16.42 7.27 -6.12
N CYS A 693 17.35 6.34 -6.29
CA CYS A 693 18.39 6.46 -7.30
C CYS A 693 17.86 6.05 -8.67
N ARG A 694 16.75 5.29 -8.66
CA ARG A 694 16.08 4.90 -9.90
C ARG A 694 15.23 6.05 -10.41
N HIS A 695 14.41 6.63 -9.53
CA HIS A 695 13.61 7.79 -9.87
C HIS A 695 14.52 8.95 -10.26
N TRP A 696 15.66 9.03 -9.58
CA TRP A 696 16.63 10.09 -9.85
C TRP A 696 17.06 10.06 -11.32
N VAL A 697 17.58 8.92 -11.77
CA VAL A 697 18.10 8.81 -13.14
C VAL A 697 17.00 8.77 -14.19
N GLU A 698 15.75 8.85 -13.76
CA GLU A 698 14.64 8.81 -14.70
C GLU A 698 13.94 10.16 -14.84
N HIS A 699 13.75 10.84 -13.71
CA HIS A 699 13.04 12.10 -13.70
C HIS A 699 13.95 13.29 -13.42
N HIS A 700 15.25 13.06 -13.45
CA HIS A 700 16.22 14.11 -13.15
C HIS A 700 17.41 14.01 -14.08
N PHE A 701 17.24 13.27 -15.17
CA PHE A 701 18.33 13.05 -16.12
C PHE A 701 18.99 14.36 -16.51
N TYR A 702 18.30 15.47 -16.27
CA TYR A 702 18.86 16.78 -16.57
C TYR A 702 19.96 17.18 -15.60
N ASP A 703 19.83 16.75 -14.34
CA ASP A 703 20.88 16.99 -13.35
C ASP A 703 22.21 16.41 -13.80
N PHE A 704 22.19 15.15 -14.20
CA PHE A 704 23.39 14.46 -14.67
C PHE A 704 23.79 14.96 -16.04
N GLU A 705 22.87 15.67 -16.71
CA GLU A 705 23.16 16.26 -18.00
C GLU A 705 23.86 17.59 -17.81
N ARG A 706 23.56 18.27 -16.70
CA ARG A 706 24.18 19.55 -16.38
C ARG A 706 25.60 19.38 -15.85
N ASP A 707 25.79 18.39 -14.98
CA ASP A 707 27.13 18.09 -14.47
C ASP A 707 27.61 16.74 -14.98
N ALA A 708 28.59 16.79 -15.89
CA ALA A 708 29.14 15.57 -16.48
C ALA A 708 29.80 14.70 -15.41
N TYR A 709 30.33 15.35 -14.39
CA TYR A 709 31.02 14.65 -13.31
C TYR A 709 30.04 13.92 -12.40
N LEU A 710 28.84 14.47 -12.27
CA LEU A 710 27.82 13.86 -11.42
C LEU A 710 27.46 12.47 -11.94
N LEU A 711 27.16 12.39 -13.23
CA LEU A 711 26.80 11.12 -13.85
C LEU A 711 27.95 10.10 -13.76
N GLN A 712 29.17 10.58 -13.93
CA GLN A 712 30.34 9.72 -13.83
C GLN A 712 30.38 9.01 -12.49
N ARG A 713 30.09 9.74 -11.42
CA ARG A 713 30.04 9.16 -10.08
C ARG A 713 28.97 8.09 -9.99
N MET A 714 27.84 8.34 -10.65
CA MET A 714 26.70 7.44 -10.60
C MET A 714 27.03 6.08 -11.23
N GLU A 715 27.64 6.11 -12.41
CA GLU A 715 27.96 4.87 -13.12
C GLU A 715 29.07 4.09 -12.43
N GLU A 716 29.89 4.78 -11.63
CA GLU A 716 30.99 4.14 -10.92
C GLU A 716 30.56 3.60 -9.56
N PHE A 717 29.57 4.27 -8.96
CA PHE A 717 29.00 3.80 -7.70
C PHE A 717 28.23 2.51 -7.89
N ILE A 718 27.56 2.38 -9.03
CA ILE A 718 26.79 1.18 -9.34
C ILE A 718 27.73 0.01 -9.58
N GLY A 719 28.90 0.29 -10.14
CA GLY A 719 29.88 -0.74 -10.42
C GLY A 719 30.40 -1.42 -9.17
N THR A 720 30.37 -0.70 -8.04
CA THR A 720 30.85 -1.23 -6.78
C THR A 720 29.77 -2.06 -6.09
N VAL A 721 28.52 -1.77 -6.42
CA VAL A 721 27.41 -2.51 -5.85
C VAL A 721 27.37 -3.94 -6.37
N ARG A 722 27.56 -4.90 -5.46
CA ARG A 722 27.57 -6.31 -5.83
C ARG A 722 26.64 -7.12 -4.93
N GLY A 723 26.18 -8.26 -5.42
CA GLY A 723 25.28 -9.11 -4.66
C GLY A 723 24.49 -10.06 -5.52
N LYS A 724 23.73 -10.94 -4.88
CA LYS A 724 22.94 -11.94 -5.58
C LYS A 724 21.80 -11.29 -6.38
N ALA A 725 20.87 -10.67 -5.67
CA ALA A 725 19.72 -10.03 -6.31
C ALA A 725 20.04 -8.61 -6.73
N MET A 726 21.18 -8.10 -6.25
CA MET A 726 21.58 -6.72 -6.54
C MET A 726 21.76 -6.50 -8.04
N LYS A 727 22.08 -7.57 -8.76
CA LYS A 727 22.28 -7.47 -10.21
C LYS A 727 21.04 -6.93 -10.92
N LYS A 728 19.87 -7.40 -10.51
CA LYS A 728 18.62 -6.97 -11.13
C LYS A 728 18.44 -5.46 -11.07
N TRP A 729 18.59 -4.90 -9.88
CA TRP A 729 18.41 -3.46 -9.68
C TRP A 729 19.57 -2.67 -10.30
N VAL A 730 20.74 -3.27 -10.34
CA VAL A 730 21.88 -2.65 -10.99
C VAL A 730 21.64 -2.53 -12.49
N GLU A 731 21.21 -3.62 -13.11
CA GLU A 731 20.87 -3.62 -14.53
C GLU A 731 19.72 -2.66 -14.79
N SER A 732 18.88 -2.47 -13.78
CA SER A 732 17.75 -1.55 -13.89
C SER A 732 18.24 -0.12 -14.04
N ILE A 733 19.09 0.31 -13.12
CA ILE A 733 19.66 1.65 -13.17
C ILE A 733 20.43 1.88 -14.46
N THR A 734 21.33 0.95 -14.77
CA THR A 734 22.17 1.07 -15.96
C THR A 734 21.35 1.14 -17.24
N LYS A 735 20.30 0.32 -17.32
CA LYS A 735 19.45 0.29 -18.50
C LYS A 735 18.80 1.65 -18.73
N ILE A 736 18.32 2.27 -17.65
CA ILE A 736 17.69 3.58 -17.73
C ILE A 736 18.70 4.65 -18.15
N ILE A 737 19.89 4.62 -17.55
CA ILE A 737 20.92 5.59 -17.87
C ILE A 737 21.29 5.55 -19.37
N GLN A 738 21.41 4.33 -19.90
CA GLN A 738 21.71 4.16 -21.31
C GLN A 738 20.53 4.60 -22.16
N ARG A 739 19.33 4.33 -21.68
CA ARG A 739 18.11 4.73 -22.36
C ARG A 739 18.04 6.25 -22.52
N LYS A 740 18.54 6.97 -21.52
CA LYS A 740 18.53 8.43 -21.55
C LYS A 740 19.60 8.98 -22.48
N LYS A 741 20.79 8.38 -22.45
CA LYS A 741 21.87 8.81 -23.32
C LYS A 741 21.48 8.71 -24.79
N ILE A 742 20.85 7.60 -25.15
CA ILE A 742 20.40 7.40 -26.52
C ILE A 742 19.24 8.33 -26.86
N ALA A 743 18.57 8.84 -25.83
CA ALA A 743 17.49 9.78 -26.02
C ALA A 743 18.04 11.16 -26.33
N ARG A 744 19.12 11.53 -25.63
CA ARG A 744 19.77 12.81 -25.85
C ARG A 744 20.39 12.88 -27.25
N ASP A 745 20.86 11.73 -27.72
CA ASP A 745 21.45 11.65 -29.05
C ASP A 745 20.38 11.38 -30.09
N ASN A 746 20.25 12.31 -31.04
CA ASN A 746 19.25 12.19 -32.10
C ASN A 746 17.84 12.06 -31.54
N HIS A 750 11.11 10.74 -30.76
CA HIS A 750 11.16 11.84 -31.71
C HIS A 750 10.13 11.65 -32.81
N ASN A 751 9.49 12.75 -33.22
CA ASN A 751 8.45 12.70 -34.24
C ASN A 751 7.32 11.74 -33.89
N ILE A 752 6.85 11.80 -32.66
CA ILE A 752 5.75 10.95 -32.21
C ILE A 752 4.47 11.25 -32.97
N THR A 753 3.56 10.28 -32.99
CA THR A 753 2.30 10.44 -33.70
C THR A 753 1.13 10.50 -32.72
N PHE A 754 0.06 11.17 -33.13
CA PHE A 754 -1.13 11.31 -32.29
C PHE A 754 -2.35 10.71 -32.99
N GLN A 755 -3.50 10.81 -32.32
CA GLN A 755 -4.74 10.24 -32.84
C GLN A 755 -5.43 11.17 -33.83
N SER A 756 -5.91 10.61 -34.92
CA SER A 756 -6.64 11.38 -35.94
C SER A 756 -7.84 12.07 -35.32
N SER A 757 -8.32 13.13 -35.97
CA SER A 757 -7.72 13.64 -37.20
C SER A 757 -7.29 15.10 -37.03
N PRO A 758 -6.09 15.42 -37.53
CA PRO A 758 -5.56 16.79 -37.50
C PRO A 758 -6.30 17.70 -38.48
N PRO A 759 -6.80 18.85 -38.02
CA PRO A 759 -7.45 19.84 -38.88
C PRO A 759 -6.50 20.30 -39.97
N THR A 760 -6.97 20.36 -41.22
CA THR A 760 -6.16 20.86 -42.32
C THR A 760 -5.69 22.31 -42.08
N VAL A 761 -4.40 22.53 -42.24
CA VAL A 761 -3.80 23.84 -42.01
C VAL A 761 -4.39 24.93 -42.91
N GLU A 762 -4.50 26.15 -42.38
CA GLU A 762 -5.12 27.24 -43.13
C GLU A 762 -4.09 28.14 -43.78
N TRP A 763 -4.20 28.27 -45.10
CA TRP A 763 -3.23 29.06 -45.86
C TRP A 763 -3.60 30.53 -45.92
N HIS A 764 -2.58 31.35 -46.13
CA HIS A 764 -2.75 32.79 -46.06
C HIS A 764 -2.75 33.44 -47.44
N ILE A 765 -2.77 34.76 -47.46
CA ILE A 765 -2.72 35.52 -48.69
C ILE A 765 -1.44 35.21 -49.45
N SER A 766 -0.35 35.07 -48.70
CA SER A 766 0.94 34.72 -49.29
C SER A 766 1.11 33.21 -49.37
N ARG A 767 1.60 32.75 -50.52
CA ARG A 767 1.79 31.31 -50.77
C ARG A 767 2.63 30.66 -49.68
N PRO A 768 2.42 29.34 -49.46
CA PRO A 768 3.15 28.55 -48.48
C PRO A 768 4.63 28.44 -48.85
N GLY A 769 5.50 28.41 -47.84
CA GLY A 769 6.93 28.33 -48.08
C GLY A 769 7.60 29.69 -48.14
N HIS A 770 6.83 30.72 -48.47
CA HIS A 770 7.37 32.08 -48.57
C HIS A 770 7.56 32.72 -47.21
N ILE A 771 8.55 32.23 -46.46
CA ILE A 771 8.83 32.75 -45.12
C ILE A 771 9.10 34.25 -45.11
N GLU A 772 9.48 34.82 -46.25
CA GLU A 772 9.78 36.24 -46.31
C GLU A 772 8.53 37.09 -46.17
N THR A 773 7.47 36.67 -46.84
CA THR A 773 6.20 37.39 -46.82
C THR A 773 5.45 37.22 -45.50
N PHE A 774 5.90 36.27 -44.68
CA PHE A 774 5.25 36.01 -43.39
C PHE A 774 5.08 37.28 -42.57
N ASP A 775 3.88 37.50 -42.06
CA ASP A 775 3.57 38.69 -41.29
C ASP A 775 2.18 38.53 -40.64
N LEU A 776 1.88 39.39 -39.67
CA LEU A 776 0.62 39.30 -38.94
C LEU A 776 -0.60 39.29 -39.85
N LEU A 777 -0.67 40.24 -40.78
CA LEU A 777 -1.82 40.37 -41.66
C LEU A 777 -1.82 39.31 -42.76
N THR A 778 -0.63 38.85 -43.13
CA THR A 778 -0.49 37.89 -44.24
C THR A 778 -0.90 36.48 -43.84
N LEU A 779 -0.21 35.89 -42.85
CA LEU A 779 -0.57 34.58 -42.33
C LEU A 779 -2.05 34.52 -41.97
N HIS A 780 -2.65 33.33 -42.04
CA HIS A 780 -4.06 33.16 -41.73
C HIS A 780 -4.30 33.15 -40.23
N PRO A 781 -5.29 33.94 -39.78
CA PRO A 781 -5.57 34.12 -38.35
C PRO A 781 -5.50 32.82 -37.55
N ILE A 782 -6.39 31.88 -37.83
CA ILE A 782 -6.48 30.65 -37.03
C ILE A 782 -5.20 29.83 -37.10
N GLU A 783 -4.49 29.91 -38.21
CA GLU A 783 -3.26 29.17 -38.39
C GLU A 783 -2.17 29.70 -37.47
N ILE A 784 -2.12 31.03 -37.32
CA ILE A 784 -1.18 31.68 -36.40
C ILE A 784 -1.42 31.22 -34.97
N ALA A 785 -2.67 31.16 -34.55
CA ALA A 785 -3.01 30.75 -33.20
C ALA A 785 -2.64 29.29 -32.95
N ARG A 786 -2.97 28.43 -33.91
CA ARG A 786 -2.65 27.02 -33.80
C ARG A 786 -1.16 26.84 -33.53
N GLN A 787 -0.34 27.46 -34.37
CA GLN A 787 1.11 27.34 -34.28
C GLN A 787 1.68 27.93 -32.99
N LEU A 788 1.09 29.02 -32.53
CA LEU A 788 1.49 29.62 -31.27
C LEU A 788 1.04 28.75 -30.10
N THR A 789 -0.14 28.17 -30.23
CA THR A 789 -0.67 27.30 -29.18
C THR A 789 0.22 26.08 -29.01
N LEU A 790 0.61 25.48 -30.13
CA LEU A 790 1.53 24.35 -30.11
C LEU A 790 2.83 24.76 -29.45
N LEU A 791 3.37 25.87 -29.93
CA LEU A 791 4.65 26.40 -29.45
C LEU A 791 4.63 26.64 -27.95
N GLU A 792 3.59 27.33 -27.47
CA GLU A 792 3.49 27.67 -26.06
C GLU A 792 3.16 26.46 -25.20
N SER A 793 2.55 25.44 -25.83
CA SER A 793 2.20 24.21 -25.12
C SER A 793 3.44 23.36 -24.83
N ASP A 794 4.32 23.25 -25.82
CA ASP A 794 5.57 22.54 -25.63
C ASP A 794 6.40 23.20 -24.53
N LEU A 795 6.46 24.53 -24.54
CA LEU A 795 7.21 25.26 -23.53
C LEU A 795 6.67 24.98 -22.14
N TYR A 796 5.35 24.96 -22.01
CA TYR A 796 4.71 24.72 -20.73
C TYR A 796 4.98 23.30 -20.25
N ARG A 797 4.89 22.35 -21.18
CA ARG A 797 5.13 20.96 -20.85
C ARG A 797 6.57 20.74 -20.43
N ALA A 798 7.48 21.42 -21.11
CA ALA A 798 8.92 21.28 -20.85
C ALA A 798 9.30 21.70 -19.43
N VAL A 799 8.56 22.66 -18.89
CA VAL A 799 8.88 23.22 -17.57
C VAL A 799 8.91 22.15 -16.48
N GLN A 800 10.08 21.95 -15.89
CA GLN A 800 10.23 21.04 -14.77
C GLN A 800 9.86 21.74 -13.48
N PRO A 801 9.14 21.04 -12.59
CA PRO A 801 8.74 21.61 -11.30
C PRO A 801 9.94 22.03 -10.46
N SER A 802 11.12 21.54 -10.82
CA SER A 802 12.34 21.87 -10.10
C SER A 802 12.70 23.34 -10.28
N GLU A 803 12.56 23.83 -11.51
CA GLU A 803 12.93 25.19 -11.87
C GLU A 803 12.11 26.23 -11.11
N LEU A 804 11.14 25.78 -10.32
CA LEU A 804 10.26 26.69 -9.59
C LEU A 804 10.40 26.56 -8.08
N VAL A 805 11.49 25.94 -7.64
CA VAL A 805 11.68 25.71 -6.21
C VAL A 805 12.88 26.46 -5.65
N GLY A 806 12.65 27.21 -4.58
CA GLY A 806 13.70 27.96 -3.91
C GLY A 806 14.13 29.20 -4.68
N SER A 807 13.27 29.66 -5.59
CA SER A 807 13.54 30.84 -6.40
C SER A 807 14.87 30.73 -7.15
N VAL A 808 15.09 29.59 -7.80
CA VAL A 808 16.32 29.36 -8.54
C VAL A 808 16.36 30.18 -9.83
N TRP A 809 15.21 30.68 -10.24
CA TRP A 809 15.11 31.50 -11.44
C TRP A 809 15.52 32.94 -11.15
N THR A 810 15.50 33.31 -9.87
CA THR A 810 15.89 34.64 -9.44
C THR A 810 17.40 34.68 -9.13
N LYS A 811 17.98 33.51 -8.93
CA LYS A 811 19.41 33.39 -8.66
C LYS A 811 20.24 33.75 -9.89
N GLU A 812 21.43 34.28 -9.67
CA GLU A 812 22.31 34.67 -10.77
C GLU A 812 22.46 33.55 -11.78
N ASP A 813 22.45 32.31 -11.30
CA ASP A 813 22.53 31.14 -12.16
C ASP A 813 21.13 30.71 -12.60
N LYS A 814 20.41 31.64 -13.22
CA LYS A 814 19.05 31.37 -13.68
C LYS A 814 19.04 30.50 -14.92
N GLU A 815 20.02 30.72 -15.79
CA GLU A 815 20.09 30.02 -17.07
C GLU A 815 20.29 28.52 -16.89
N ILE A 816 20.87 28.14 -15.75
CA ILE A 816 21.21 26.75 -15.49
C ILE A 816 20.07 25.99 -14.82
N ASN A 817 19.49 26.58 -13.79
CA ASN A 817 18.42 25.96 -13.01
C ASN A 817 17.05 26.03 -13.69
N SER A 818 16.80 27.09 -14.45
CA SER A 818 15.50 27.27 -15.08
C SER A 818 15.62 27.59 -16.57
N PRO A 819 16.19 26.66 -17.36
CA PRO A 819 16.30 26.83 -18.81
C PRO A 819 14.94 26.90 -19.48
N ASN A 820 13.99 26.13 -18.99
CA ASN A 820 12.68 26.03 -19.62
C ASN A 820 11.75 27.15 -19.18
N LEU A 821 11.75 27.42 -17.89
CA LEU A 821 10.94 28.49 -17.32
C LEU A 821 11.25 29.81 -18.03
N LEU A 822 12.53 30.18 -18.04
CA LEU A 822 12.97 31.41 -18.71
C LEU A 822 12.62 31.41 -20.18
N LYS A 823 12.85 30.28 -20.86
CA LYS A 823 12.54 30.17 -22.28
C LYS A 823 11.07 30.49 -22.55
N MET A 824 10.21 30.14 -21.59
CA MET A 824 8.79 30.38 -21.74
C MET A 824 8.48 31.86 -21.53
N ILE A 825 9.01 32.41 -20.44
CA ILE A 825 8.81 33.82 -20.11
C ILE A 825 9.27 34.74 -21.24
N ARG A 826 10.45 34.49 -21.78
CA ARG A 826 10.97 35.29 -22.89
C ARG A 826 10.02 35.27 -24.07
N HIS A 827 9.32 34.16 -24.26
CA HIS A 827 8.40 34.03 -25.38
C HIS A 827 7.24 35.00 -25.23
N THR A 828 6.63 35.02 -24.05
CA THR A 828 5.50 35.88 -23.77
C THR A 828 5.86 37.35 -24.00
N THR A 829 7.02 37.75 -23.48
CA THR A 829 7.55 39.09 -23.70
C THR A 829 7.64 39.44 -25.19
N ASN A 830 8.41 38.65 -25.94
CA ASN A 830 8.59 38.89 -27.37
C ASN A 830 7.27 38.95 -28.14
N LEU A 831 6.40 37.98 -27.91
CA LEU A 831 5.13 37.94 -28.62
C LEU A 831 4.30 39.17 -28.30
N THR A 832 4.08 39.44 -27.01
CA THR A 832 3.36 40.64 -26.61
C THR A 832 3.95 41.89 -27.27
N LEU A 833 5.27 42.06 -27.15
CA LEU A 833 5.94 43.19 -27.77
C LEU A 833 5.71 43.21 -29.28
N TRP A 834 5.84 42.04 -29.91
CA TRP A 834 5.61 41.94 -31.35
C TRP A 834 4.23 42.49 -31.71
N PHE A 835 3.24 42.18 -30.89
CA PHE A 835 1.89 42.67 -31.13
C PHE A 835 1.87 44.20 -31.09
N GLU A 836 2.40 44.77 -30.02
CA GLU A 836 2.44 46.22 -29.87
C GLU A 836 3.21 46.84 -31.02
N LYS A 837 4.28 46.17 -31.45
CA LYS A 837 5.12 46.65 -32.55
C LYS A 837 4.36 46.65 -33.87
N CYS A 838 3.52 45.63 -34.06
CA CYS A 838 2.69 45.54 -35.26
C CYS A 838 1.64 46.64 -35.28
N ILE A 839 1.32 47.17 -34.11
CA ILE A 839 0.30 48.22 -34.00
C ILE A 839 0.87 49.61 -34.18
N VAL A 840 1.74 50.02 -33.26
CA VAL A 840 2.27 51.37 -33.25
C VAL A 840 3.06 51.70 -34.52
N GLU A 841 3.62 50.68 -35.17
CA GLU A 841 4.41 50.93 -36.37
C GLU A 841 3.54 51.10 -37.59
N THR A 842 2.29 50.67 -37.49
CA THR A 842 1.32 50.91 -38.55
C THR A 842 0.77 52.33 -38.39
N GLU A 843 1.40 53.27 -39.07
CA GLU A 843 1.05 54.68 -38.94
C GLU A 843 -0.36 54.96 -39.46
N ASN A 844 -0.69 54.34 -40.59
CA ASN A 844 -2.00 54.51 -41.19
C ASN A 844 -3.14 53.96 -40.33
N LEU A 845 -4.10 54.81 -40.01
CA LEU A 845 -5.20 54.44 -39.11
C LEU A 845 -6.04 53.29 -39.65
N GLU A 846 -6.38 53.36 -40.93
CA GLU A 846 -7.19 52.34 -41.55
C GLU A 846 -6.55 50.96 -41.39
N GLU A 847 -5.22 50.92 -41.50
CA GLU A 847 -4.47 49.67 -41.39
C GLU A 847 -4.28 49.23 -39.94
N ARG A 848 -3.96 50.19 -39.07
CA ARG A 848 -3.77 49.88 -37.66
C ARG A 848 -5.05 49.32 -37.06
N VAL A 849 -6.19 49.78 -37.56
CA VAL A 849 -7.46 49.25 -37.08
C VAL A 849 -7.57 47.78 -37.48
N ALA A 850 -7.25 47.50 -38.74
CA ALA A 850 -7.23 46.14 -39.24
C ALA A 850 -6.35 45.26 -38.37
N VAL A 851 -5.13 45.71 -38.14
CA VAL A 851 -4.17 44.98 -37.34
C VAL A 851 -4.73 44.63 -35.97
N VAL A 852 -5.18 45.65 -35.24
CA VAL A 852 -5.80 45.46 -33.94
C VAL A 852 -6.95 44.48 -34.06
N SER A 853 -7.76 44.65 -35.10
CA SER A 853 -8.90 43.78 -35.32
C SER A 853 -8.44 42.34 -35.51
N ARG A 854 -7.36 42.17 -36.27
CA ARG A 854 -6.83 40.85 -36.54
C ARG A 854 -6.34 40.18 -35.26
N ILE A 855 -5.58 40.92 -34.47
CA ILE A 855 -5.06 40.42 -33.20
C ILE A 855 -6.18 39.93 -32.28
N ILE A 856 -7.29 40.66 -32.28
CA ILE A 856 -8.44 40.27 -31.49
C ILE A 856 -9.01 38.94 -31.98
N GLU A 857 -9.05 38.77 -33.29
CA GLU A 857 -9.52 37.53 -33.88
C GLU A 857 -8.64 36.36 -33.45
N ILE A 858 -7.33 36.59 -33.43
CA ILE A 858 -6.38 35.57 -33.00
C ILE A 858 -6.64 35.19 -31.55
N LEU A 859 -7.05 36.16 -30.75
CA LEU A 859 -7.42 35.92 -29.36
C LEU A 859 -8.55 34.90 -29.30
N GLN A 860 -9.54 35.05 -30.17
CA GLN A 860 -10.69 34.16 -30.18
C GLN A 860 -10.25 32.71 -30.31
N VAL A 861 -9.34 32.47 -31.24
CA VAL A 861 -8.86 31.11 -31.50
C VAL A 861 -8.01 30.57 -30.36
N PHE A 862 -7.36 31.44 -29.61
CA PHE A 862 -6.69 31.01 -28.39
C PHE A 862 -7.74 30.56 -27.39
N GLN A 863 -8.84 31.30 -27.35
CA GLN A 863 -9.91 31.04 -26.40
C GLN A 863 -10.55 29.68 -26.66
N GLU A 864 -10.74 29.35 -27.94
CA GLU A 864 -11.36 28.08 -28.31
C GLU A 864 -10.39 26.91 -28.23
N LEU A 865 -9.10 27.21 -28.37
CA LEU A 865 -8.06 26.18 -28.25
C LEU A 865 -7.62 26.02 -26.81
N ASN A 866 -8.35 26.62 -25.89
CA ASN A 866 -8.03 26.54 -24.47
C ASN A 866 -6.59 26.97 -24.21
N ASN A 867 -6.13 27.97 -24.97
CA ASN A 867 -4.79 28.52 -24.78
C ASN A 867 -4.84 29.82 -23.99
N PHE A 868 -5.17 29.70 -22.70
CA PHE A 868 -5.31 30.86 -21.84
C PHE A 868 -4.07 31.76 -21.85
N ASN A 869 -2.91 31.15 -22.08
CA ASN A 869 -1.66 31.91 -22.16
C ASN A 869 -1.72 32.95 -23.27
N GLY A 870 -1.75 32.47 -24.51
CA GLY A 870 -1.87 33.35 -25.66
C GLY A 870 -2.97 34.38 -25.53
N VAL A 871 -4.06 34.00 -24.86
CA VAL A 871 -5.15 34.93 -24.63
C VAL A 871 -4.66 36.12 -23.84
N LEU A 872 -4.14 35.86 -22.65
CA LEU A 872 -3.62 36.90 -21.77
C LEU A 872 -2.38 37.60 -22.33
N GLU A 873 -1.72 36.97 -23.30
CA GLU A 873 -0.59 37.60 -23.98
C GLU A 873 -1.09 38.69 -24.90
N VAL A 874 -2.34 38.57 -25.33
CA VAL A 874 -2.96 39.60 -26.15
C VAL A 874 -3.48 40.73 -25.28
N VAL A 875 -4.06 40.37 -24.15
CA VAL A 875 -4.55 41.37 -23.20
C VAL A 875 -3.43 42.29 -22.76
N SER A 876 -2.21 41.75 -22.68
CA SER A 876 -1.06 42.51 -22.23
C SER A 876 -0.65 43.56 -23.25
N ALA A 877 -0.78 43.22 -24.53
CA ALA A 877 -0.47 44.17 -25.60
C ALA A 877 -1.57 45.22 -25.67
N MET A 878 -2.78 44.83 -25.29
CA MET A 878 -3.92 45.73 -25.32
C MET A 878 -3.93 46.65 -24.10
N ASN A 879 -3.15 46.28 -23.07
CA ASN A 879 -3.03 47.09 -21.88
C ASN A 879 -1.72 47.87 -21.85
N SER A 880 -0.87 47.62 -22.84
CA SER A 880 0.41 48.33 -22.93
C SER A 880 0.16 49.81 -23.16
N SER A 881 1.08 50.64 -22.68
CA SER A 881 0.96 52.09 -22.80
C SER A 881 0.80 52.54 -24.26
N PRO A 882 1.67 52.06 -25.16
CA PRO A 882 1.65 52.53 -26.54
C PRO A 882 0.35 52.19 -27.27
N VAL A 883 -0.44 51.27 -26.73
CA VAL A 883 -1.64 50.81 -27.42
C VAL A 883 -2.92 51.20 -26.69
N TYR A 884 -2.86 51.10 -25.36
CA TYR A 884 -4.01 51.40 -24.51
C TYR A 884 -4.55 52.82 -24.71
N ARG A 885 -3.77 53.68 -25.36
CA ARG A 885 -4.14 55.09 -25.52
C ARG A 885 -4.63 55.43 -26.92
N LEU A 886 -4.78 54.42 -27.77
CA LEU A 886 -5.16 54.65 -29.17
C LEU A 886 -6.67 54.66 -29.34
N ASP A 887 -7.31 55.70 -28.80
CA ASP A 887 -8.77 55.81 -28.85
C ASP A 887 -9.31 55.75 -30.28
N HIS A 888 -8.66 56.49 -31.17
CA HIS A 888 -9.06 56.54 -32.57
C HIS A 888 -9.05 55.17 -33.24
N THR A 889 -8.18 54.29 -32.75
CA THR A 889 -8.07 52.96 -33.32
C THR A 889 -9.12 52.03 -32.72
N PHE A 890 -9.24 52.05 -31.39
CA PHE A 890 -10.19 51.19 -30.70
C PHE A 890 -11.62 51.66 -30.90
N GLU A 891 -11.78 52.66 -31.75
CA GLU A 891 -13.09 53.21 -32.04
C GLU A 891 -13.68 52.57 -33.29
N GLN A 892 -12.82 52.30 -34.26
CA GLN A 892 -13.26 51.79 -35.55
C GLN A 892 -13.27 50.26 -35.61
N ILE A 893 -13.32 49.62 -34.45
CA ILE A 893 -13.41 48.16 -34.40
C ILE A 893 -14.83 47.71 -34.08
N PRO A 894 -15.26 46.61 -34.71
CA PRO A 894 -16.60 46.03 -34.52
C PRO A 894 -16.99 45.94 -33.04
N SER A 895 -18.28 46.07 -32.76
CA SER A 895 -18.77 45.99 -31.39
C SER A 895 -18.76 44.56 -30.89
N ARG A 896 -18.80 43.61 -31.82
CA ARG A 896 -18.81 42.20 -31.49
C ARG A 896 -17.45 41.77 -30.95
N GLN A 897 -16.40 42.41 -31.47
CA GLN A 897 -15.03 42.09 -31.06
C GLN A 897 -14.65 42.77 -29.74
N LYS A 898 -15.16 43.98 -29.53
CA LYS A 898 -14.95 44.68 -28.28
C LYS A 898 -15.45 43.83 -27.11
N LYS A 899 -16.60 43.20 -27.28
CA LYS A 899 -17.17 42.36 -26.22
C LYS A 899 -16.25 41.17 -25.95
N ILE A 900 -15.59 40.69 -26.99
CA ILE A 900 -14.63 39.59 -26.87
C ILE A 900 -13.40 40.04 -26.09
N LEU A 901 -12.92 41.24 -26.38
CA LEU A 901 -11.77 41.79 -25.68
C LEU A 901 -12.12 42.07 -24.23
N GLU A 902 -13.23 42.75 -24.00
CA GLU A 902 -13.68 43.06 -22.64
C GLU A 902 -13.91 41.79 -21.83
N GLU A 903 -14.27 40.72 -22.52
CA GLU A 903 -14.45 39.42 -21.88
C GLU A 903 -13.14 38.96 -21.25
N ALA A 904 -12.06 39.11 -22.01
CA ALA A 904 -10.73 38.69 -21.55
C ALA A 904 -10.21 39.62 -20.45
N HIS A 905 -10.54 40.91 -20.57
CA HIS A 905 -10.16 41.90 -19.57
C HIS A 905 -10.69 41.55 -18.18
N GLU A 906 -11.73 40.73 -18.14
CA GLU A 906 -12.36 40.35 -16.87
C GLU A 906 -11.69 39.13 -16.23
N LEU A 907 -10.80 38.49 -16.98
CA LEU A 907 -10.09 37.31 -16.48
C LEU A 907 -9.11 37.70 -15.38
N SER A 908 -8.62 38.94 -15.44
CA SER A 908 -7.65 39.45 -14.49
C SER A 908 -8.31 39.94 -13.21
N GLU A 909 -9.53 40.47 -13.34
CA GLU A 909 -10.24 41.05 -12.21
C GLU A 909 -10.42 40.06 -11.06
N ASP A 910 -10.53 40.61 -9.84
CA ASP A 910 -10.72 39.81 -8.64
C ASP A 910 -9.65 38.74 -8.47
N HIS A 911 -8.40 39.10 -8.69
CA HIS A 911 -7.30 38.16 -8.54
C HIS A 911 -7.48 36.96 -9.43
N TYR A 912 -7.79 37.20 -10.70
CA TYR A 912 -7.95 36.14 -11.68
C TYR A 912 -9.05 35.17 -11.27
N LYS A 913 -10.11 35.71 -10.66
CA LYS A 913 -11.24 34.89 -10.22
C LYS A 913 -11.93 34.24 -11.41
N LYS A 914 -12.34 35.05 -12.38
CA LYS A 914 -13.02 34.57 -13.56
C LYS A 914 -12.17 33.55 -14.32
N TYR A 915 -10.87 33.80 -14.39
CA TYR A 915 -9.95 32.88 -15.06
C TYR A 915 -9.87 31.54 -14.37
N LEU A 916 -9.62 31.56 -13.06
CA LEU A 916 -9.46 30.34 -12.29
C LEU A 916 -10.71 29.45 -12.38
N ALA A 917 -11.87 30.09 -12.34
CA ALA A 917 -13.13 29.35 -12.46
C ALA A 917 -13.26 28.73 -13.83
N LYS A 918 -12.72 29.40 -14.84
CA LYS A 918 -12.79 28.91 -16.21
C LYS A 918 -11.82 27.76 -16.47
N LEU A 919 -10.66 27.80 -15.82
CA LEU A 919 -9.65 26.77 -16.01
C LEU A 919 -10.10 25.44 -15.44
N ARG A 920 -10.89 25.50 -14.37
CA ARG A 920 -11.36 24.29 -13.71
C ARG A 920 -12.45 23.59 -14.52
N SER A 921 -12.98 24.29 -15.51
CA SER A 921 -14.01 23.72 -16.38
C SER A 921 -13.43 23.39 -17.76
N ILE A 922 -12.12 23.22 -17.81
CA ILE A 922 -11.43 22.96 -19.07
C ILE A 922 -10.66 21.64 -19.04
N ASN A 923 -10.74 20.89 -20.14
CA ASN A 923 -9.98 19.65 -20.26
C ASN A 923 -8.85 19.79 -21.27
N PRO A 924 -7.63 19.37 -20.88
CA PRO A 924 -6.48 19.39 -21.79
C PRO A 924 -6.82 18.76 -23.13
N PRO A 925 -6.07 19.11 -24.19
CA PRO A 925 -4.92 20.02 -24.12
C PRO A 925 -5.29 21.47 -23.83
N CYS A 926 -4.51 22.13 -22.99
CA CYS A 926 -4.72 23.53 -22.67
C CYS A 926 -3.44 24.16 -22.13
N VAL A 927 -3.24 25.44 -22.39
CA VAL A 927 -2.06 26.14 -21.89
C VAL A 927 -2.44 27.11 -20.79
N PRO A 928 -2.26 26.70 -19.52
CA PRO A 928 -2.59 27.52 -18.36
C PRO A 928 -1.76 28.81 -18.33
N PHE A 929 -2.31 29.84 -17.70
CA PHE A 929 -1.55 31.05 -17.44
C PHE A 929 -0.56 30.77 -16.32
N PHE A 930 0.73 30.80 -16.65
CA PHE A 930 1.76 30.40 -15.71
C PHE A 930 1.97 31.42 -14.60
N GLY A 931 1.50 32.64 -14.82
CA GLY A 931 1.69 33.72 -13.87
C GLY A 931 1.15 33.41 -12.49
N ILE A 932 -0.03 32.81 -12.44
CA ILE A 932 -0.70 32.50 -11.18
C ILE A 932 0.17 31.60 -10.30
N TYR A 933 0.82 30.62 -10.90
CA TYR A 933 1.65 29.69 -10.15
C TYR A 933 2.81 30.40 -9.49
N LEU A 934 3.56 31.17 -10.28
CA LEU A 934 4.69 31.92 -9.76
C LEU A 934 4.31 32.79 -8.58
N THR A 935 3.17 33.46 -8.69
CA THR A 935 2.68 34.34 -7.64
C THR A 935 2.41 33.57 -6.34
N ASN A 936 1.71 32.44 -6.44
CA ASN A 936 1.41 31.62 -5.28
C ASN A 936 2.67 31.05 -4.65
N ILE A 937 3.52 30.44 -5.47
CA ILE A 937 4.78 29.87 -5.02
C ILE A 937 5.58 30.85 -4.17
N LEU A 938 5.66 32.10 -4.61
CA LEU A 938 6.33 33.13 -3.85
C LEU A 938 5.69 33.32 -2.49
N LYS A 939 4.38 33.52 -2.47
CA LYS A 939 3.64 33.73 -1.23
C LYS A 939 3.88 32.61 -0.24
N THR A 940 4.16 31.42 -0.75
CA THR A 940 4.40 30.24 0.07
C THR A 940 5.80 30.25 0.70
N GLU A 941 6.80 30.54 -0.13
CA GLU A 941 8.18 30.56 0.34
C GLU A 941 8.54 31.82 1.11
N GLU A 942 7.63 32.80 1.09
CA GLU A 942 7.84 34.04 1.84
C GLU A 942 6.98 34.03 3.09
N GLY A 943 5.94 33.19 3.10
CA GLY A 943 5.05 33.10 4.24
C GLY A 943 5.48 32.05 5.24
N ASN A 944 6.49 31.26 4.86
CA ASN A 944 6.98 30.18 5.72
C ASN A 944 8.51 30.20 5.85
N PRO A 945 9.00 30.18 7.11
CA PRO A 945 10.44 30.18 7.39
C PRO A 945 11.13 28.98 6.76
N GLU A 946 12.26 29.22 6.10
CA GLU A 946 12.99 28.15 5.42
C GLU A 946 13.47 27.09 6.40
N VAL A 947 13.66 27.47 7.66
CA VAL A 947 14.13 26.55 8.69
C VAL A 947 13.37 26.74 9.99
N LEU A 948 13.39 25.71 10.83
CA LEU A 948 12.74 25.77 12.14
C LEU A 948 13.77 25.57 13.26
N LYS A 949 13.78 26.48 14.22
CA LYS A 949 14.76 26.43 15.30
C LYS A 949 14.28 25.57 16.46
N ARG A 950 15.07 24.56 16.82
CA ARG A 950 14.75 23.68 17.94
C ARG A 950 15.96 23.44 18.82
N HIS A 951 15.90 23.90 20.06
CA HIS A 951 17.00 23.74 21.01
C HIS A 951 18.31 24.27 20.42
N GLY A 952 18.24 25.43 19.76
CA GLY A 952 19.41 26.06 19.19
C GLY A 952 19.83 25.48 17.86
N LYS A 953 19.28 24.32 17.53
CA LYS A 953 19.60 23.65 16.28
C LYS A 953 18.76 24.20 15.13
N GLU A 954 19.13 23.88 13.90
CA GLU A 954 18.44 24.38 12.72
C GLU A 954 17.95 23.23 11.85
N LEU A 955 16.63 23.05 11.81
CA LEU A 955 16.02 21.98 11.03
C LEU A 955 15.45 22.50 9.72
N ILE A 956 15.78 21.81 8.63
CA ILE A 956 15.28 22.16 7.31
C ILE A 956 13.77 21.98 7.20
N ASN A 957 13.03 23.08 7.22
CA ASN A 957 11.57 23.04 7.11
C ASN A 957 11.11 22.40 5.81
N PHE A 958 10.65 21.17 5.90
CA PHE A 958 10.22 20.42 4.72
C PHE A 958 8.78 20.72 4.35
N SER A 959 8.03 21.31 5.30
CA SER A 959 6.65 21.69 5.05
C SER A 959 6.53 22.58 3.82
N LYS A 960 7.45 23.53 3.70
CA LYS A 960 7.50 24.42 2.56
C LYS A 960 7.67 23.62 1.26
N ARG A 961 8.62 22.69 1.30
CA ARG A 961 8.92 21.87 0.14
C ARG A 961 7.68 21.17 -0.39
N ARG A 962 6.88 20.62 0.51
CA ARG A 962 5.64 19.95 0.13
C ARG A 962 4.63 20.95 -0.42
N LYS A 963 4.39 22.03 0.32
CA LYS A 963 3.43 23.05 -0.09
C LYS A 963 3.73 23.56 -1.49
N VAL A 964 5.01 23.74 -1.78
CA VAL A 964 5.43 24.19 -3.10
C VAL A 964 5.13 23.12 -4.14
N ALA A 965 5.42 21.86 -3.78
CA ALA A 965 5.17 20.72 -4.65
C ALA A 965 3.69 20.59 -4.98
N GLU A 966 2.84 20.88 -3.98
CA GLU A 966 1.40 20.85 -4.18
C GLU A 966 0.99 21.76 -5.33
N ILE A 967 1.62 22.93 -5.38
CA ILE A 967 1.35 23.90 -6.44
C ILE A 967 1.89 23.42 -7.78
N THR A 968 3.11 22.90 -7.77
CA THR A 968 3.74 22.39 -8.98
C THR A 968 2.92 21.24 -9.57
N GLY A 969 2.14 20.58 -8.72
CA GLY A 969 1.28 19.51 -9.16
C GLY A 969 0.22 20.01 -10.13
N GLU A 970 -0.38 21.14 -9.78
CA GLU A 970 -1.40 21.76 -10.62
C GLU A 970 -0.86 22.13 -11.99
N ILE A 971 0.46 22.15 -12.11
CA ILE A 971 1.10 22.48 -13.38
C ILE A 971 1.23 21.24 -14.27
N GLN A 972 1.65 20.14 -13.66
CA GLN A 972 1.81 18.89 -14.40
C GLN A 972 0.47 18.34 -14.85
N GLN A 973 -0.57 18.65 -14.08
CA GLN A 973 -1.92 18.21 -14.39
C GLN A 973 -2.31 18.48 -15.84
N TYR A 974 -1.74 19.53 -16.42
CA TYR A 974 -2.12 19.98 -17.75
C TYR A 974 -1.06 19.68 -18.81
N GLN A 975 0.06 19.10 -18.37
CA GLN A 975 1.16 18.79 -19.27
C GLN A 975 0.96 17.44 -19.94
N ASN A 976 -0.07 16.71 -19.52
CA ASN A 976 -0.32 15.36 -19.99
C ASN A 976 -0.61 15.27 -21.49
N GLN A 977 -1.75 15.79 -21.91
CA GLN A 977 -2.19 15.64 -23.30
C GLN A 977 -1.81 16.85 -24.17
N PRO A 978 -1.10 16.58 -25.27
CA PRO A 978 -0.74 17.63 -26.23
C PRO A 978 -1.91 17.93 -27.16
N TYR A 979 -1.80 19.02 -27.91
CA TYR A 979 -2.86 19.39 -28.84
C TYR A 979 -2.86 18.48 -30.06
N CYS A 980 -4.01 18.39 -30.71
CA CYS A 980 -4.13 17.62 -31.94
C CYS A 980 -4.07 18.55 -33.13
N LEU A 981 -2.88 19.07 -33.41
CA LEU A 981 -2.69 19.97 -34.55
C LEU A 981 -1.38 19.65 -35.26
N ARG A 982 -1.38 19.80 -36.58
CA ARG A 982 -0.19 19.50 -37.37
C ARG A 982 0.77 20.69 -37.38
N VAL A 983 1.98 20.45 -36.91
CA VAL A 983 3.01 21.48 -36.88
C VAL A 983 3.43 21.88 -38.29
N GLU A 984 3.52 23.19 -38.53
CA GLU A 984 4.02 23.69 -39.81
C GLU A 984 5.38 24.34 -39.59
N SER A 985 6.40 23.77 -40.24
CA SER A 985 7.79 24.14 -40.00
C SER A 985 8.05 25.65 -40.09
N ASP A 986 7.80 26.21 -41.28
CA ASP A 986 8.01 27.62 -41.53
C ASP A 986 7.38 28.54 -40.49
N ILE A 987 6.09 28.33 -40.22
CA ILE A 987 5.37 29.20 -39.30
C ILE A 987 5.89 29.05 -37.87
N LYS A 988 6.12 27.82 -37.45
CA LYS A 988 6.65 27.56 -36.12
C LYS A 988 7.98 28.29 -35.95
N ARG A 989 8.82 28.19 -36.97
CA ARG A 989 10.14 28.81 -36.94
C ARG A 989 10.00 30.33 -36.85
N PHE A 990 9.11 30.86 -37.67
CA PHE A 990 8.85 32.31 -37.72
C PHE A 990 8.62 32.92 -36.34
N PHE A 991 7.80 32.25 -35.53
CA PHE A 991 7.47 32.75 -34.20
C PHE A 991 8.55 32.44 -33.18
N GLU A 992 9.41 31.48 -33.52
CA GLU A 992 10.55 31.16 -32.68
C GLU A 992 11.68 32.18 -32.88
N ASN A 993 11.66 32.84 -34.03
CA ASN A 993 12.68 33.82 -34.37
C ASN A 993 12.20 35.25 -34.15
N LEU A 994 11.07 35.40 -33.49
CA LEU A 994 10.50 36.71 -33.22
C LEU A 994 11.45 37.56 -32.42
N ASN A 995 11.90 38.66 -33.02
CA ASN A 995 12.83 39.55 -32.36
C ASN A 995 12.42 41.01 -32.49
N PRO A 996 11.32 41.38 -31.81
CA PRO A 996 10.75 42.73 -31.92
C PRO A 996 11.78 43.80 -31.58
N MET A 997 12.47 43.64 -30.45
CA MET A 997 13.46 44.61 -30.01
C MET A 997 14.66 44.66 -30.95
N GLY A 998 14.75 43.66 -31.82
CA GLY A 998 15.93 43.52 -32.65
C GLY A 998 17.15 43.36 -31.77
N ASN A 999 18.07 44.32 -31.85
CA ASN A 999 19.25 44.30 -31.01
C ASN A 999 19.26 45.46 -30.03
N SER A 1000 18.08 46.04 -29.80
CA SER A 1000 17.91 47.10 -28.82
C SER A 1000 17.66 46.50 -27.44
N MET A 1001 17.42 47.37 -26.47
CA MET A 1001 17.16 46.92 -25.10
C MET A 1001 15.71 47.11 -24.71
N GLU A 1002 15.31 46.51 -23.59
CA GLU A 1002 13.94 46.60 -23.10
C GLU A 1002 13.50 48.05 -22.98
N LYS A 1003 14.24 48.85 -22.22
CA LYS A 1003 13.89 50.23 -21.98
C LYS A 1003 13.79 51.00 -23.29
N GLU A 1004 14.87 50.98 -24.06
CA GLU A 1004 14.93 51.73 -25.32
C GLU A 1004 13.76 51.42 -26.24
N PHE A 1005 13.54 50.13 -26.51
CA PHE A 1005 12.49 49.70 -27.43
C PHE A 1005 11.10 50.09 -26.95
N THR A 1006 10.89 50.03 -25.65
CA THR A 1006 9.60 50.38 -25.06
C THR A 1006 9.30 51.87 -25.24
N ASP A 1007 10.31 52.71 -25.02
CA ASP A 1007 10.17 54.14 -25.24
C ASP A 1007 9.77 54.41 -26.68
N TYR A 1008 10.51 53.81 -27.60
CA TYR A 1008 10.23 53.94 -29.03
C TYR A 1008 8.77 53.64 -29.34
N LEU A 1009 8.23 52.59 -28.75
CA LEU A 1009 6.84 52.22 -28.97
C LEU A 1009 5.92 53.35 -28.55
N PHE A 1010 6.14 53.89 -27.36
CA PHE A 1010 5.33 54.97 -26.82
C PHE A 1010 5.50 56.24 -27.64
N ASN A 1011 6.70 56.47 -28.15
CA ASN A 1011 6.97 57.61 -29.00
C ASN A 1011 6.22 57.48 -30.33
N LYS A 1012 6.13 56.26 -30.85
CA LYS A 1012 5.40 55.99 -32.09
C LYS A 1012 3.91 56.14 -31.87
N SER A 1013 3.47 55.89 -30.64
CA SER A 1013 2.06 56.03 -30.30
C SER A 1013 1.69 57.51 -30.26
N LEU A 1014 2.65 58.34 -29.85
CA LEU A 1014 2.45 59.78 -29.80
C LEU A 1014 2.58 60.40 -31.19
N GLU A 1015 3.09 59.60 -32.13
CA GLU A 1015 3.24 60.04 -33.51
C GLU A 1015 1.99 59.66 -34.30
N ILE A 1016 1.56 58.41 -34.18
CA ILE A 1016 0.40 57.92 -34.91
C ILE A 1016 -0.89 58.53 -34.40
N GLU A 1017 -0.91 58.89 -33.12
CA GLU A 1017 -2.07 59.53 -32.50
C GLU A 1017 -1.63 60.56 -31.47
N PRO A 1018 -1.46 61.82 -31.91
CA PRO A 1018 -1.06 62.94 -31.04
C PRO A 1018 -2.08 63.21 -29.95
N ARG A 1019 -1.82 64.22 -29.13
CA ARG A 1019 -2.73 64.59 -28.04
C ARG A 1019 -4.01 65.21 -28.58
N ASN A 1020 -4.93 65.54 -27.68
CA ASN A 1020 -6.22 66.12 -28.06
C ASN A 1020 -6.08 67.41 -28.87
N PRO A 1021 -5.34 68.39 -28.33
CA PRO A 1021 -5.18 69.66 -29.04
C PRO A 1021 -4.50 69.45 -30.40
N LYS A 1022 -3.51 68.57 -30.45
CA LYS A 1022 -2.78 68.32 -31.68
C LYS A 1022 -3.63 67.59 -32.71
N PRO A 1023 -3.61 68.07 -33.97
CA PRO A 1023 -4.36 67.44 -35.05
C PRO A 1023 -3.87 66.03 -35.33
N LEU A 1024 -4.71 65.20 -35.92
CA LEU A 1024 -4.36 63.82 -36.23
C LEU A 1024 -3.94 63.70 -37.69
N PRO A 1025 -2.64 63.44 -37.94
CA PRO A 1025 -2.08 63.38 -39.29
C PRO A 1025 -2.67 62.26 -40.13
N ARG A 1026 -2.53 62.37 -41.45
CA ARG A 1026 -2.97 61.32 -42.36
C ARG A 1026 -1.76 60.56 -42.89
N PHE A 1027 -1.46 59.44 -42.24
CA PHE A 1027 -0.31 58.63 -42.63
C PHE A 1027 -0.67 57.68 -43.78
N PRO A 1028 0.28 57.48 -44.70
CA PRO A 1028 0.10 56.60 -45.86
C PRO A 1028 0.00 55.14 -45.43
N LYS A 1029 -0.52 54.30 -46.32
CA LYS A 1029 -0.61 52.88 -46.06
C LYS A 1029 0.75 52.23 -46.31
N LYS A 1030 1.13 51.29 -45.45
CA LYS A 1030 2.40 50.59 -45.61
C LYS A 1030 2.19 49.23 -46.28
N TYR A 1031 1.06 48.59 -45.98
CA TYR A 1031 0.76 47.27 -46.53
C TYR A 1031 0.11 47.38 -47.90
N SER A 1032 0.75 46.77 -48.89
CA SER A 1032 0.25 46.81 -50.26
C SER A 1032 -0.51 45.52 -50.62
N TYR A 1033 -1.14 44.92 -49.62
CA TYR A 1033 -1.93 43.71 -49.85
C TYR A 1033 -3.32 43.80 -49.22
N PRO A 1034 -4.27 43.00 -49.73
CA PRO A 1034 -5.65 42.96 -49.21
C PRO A 1034 -5.68 42.96 -47.70
N LEU A 1035 -6.33 43.97 -47.13
CA LEU A 1035 -6.35 44.17 -45.69
C LEU A 1035 -7.53 43.45 -45.03
N LYS A 1036 -8.36 42.82 -45.85
CA LYS A 1036 -9.57 42.16 -45.37
C LYS A 1036 -9.30 40.78 -44.77
N SER A 1037 -9.87 40.52 -43.60
CA SER A 1037 -9.69 39.24 -42.90
C SER A 1037 -10.42 38.09 -43.60
N PRO A 1038 -9.86 36.87 -43.52
CA PRO A 1038 -10.42 35.68 -44.16
C PRO A 1038 -11.86 35.33 -43.75
N GLY A 1039 -12.13 35.07 -42.47
CA GLY A 1039 -11.16 35.07 -41.40
C GLY A 1039 -11.70 34.35 -40.17
N VAL A 1040 -10.84 33.56 -39.53
CA VAL A 1040 -11.22 32.82 -38.32
C VAL A 1040 -12.32 31.79 -38.59
N ARG A 1041 -12.43 31.36 -39.85
CA ARG A 1041 -13.44 30.39 -40.24
C ARG A 1041 -12.78 29.16 -40.86
N PRO A 1042 -12.66 28.08 -40.08
CA PRO A 1042 -12.05 26.83 -40.56
C PRO A 1042 -12.71 26.32 -41.84
N SER A 1043 -12.03 25.42 -42.55
CA SER A 1043 -12.57 24.87 -43.79
C SER A 1043 -13.37 23.60 -43.53
N ASN A 1044 -14.41 23.38 -44.34
CA ASN A 1044 -15.28 22.22 -44.19
C ASN A 1044 -14.53 20.89 -44.12
N PRO A 1045 -13.64 20.63 -45.09
CA PRO A 1045 -12.91 19.37 -45.10
C PRO A 1045 -12.15 19.13 -43.80
#